data_7AK0
#
_entry.id   7AK0
#
_cell.length_a   62.25
_cell.length_b   104.824
_cell.length_c   73.284
_cell.angle_alpha   90
_cell.angle_beta   111.14
_cell.angle_gamma   90
#
_symmetry.space_group_name_H-M   'P 1 21 1'
#
loop_
_entity.id
_entity.type
_entity.pdbx_description
1 polymer 'Mucosa-associated lymphoid tissue lymphoma translocation protein 1'
2 non-polymer 1-[4-[4-(aminomethyl)pyrazol-1-yl]-3-chloranyl-phenyl]-3-[(3~{R})-6-bromanyl-3,4-dihydro-2~{H}-chromen-3-yl]urea
3 water water
#
_entity_poly.entity_id   1
_entity_poly.type   'polypeptide(L)'
_entity_poly.pdbx_seq_one_letter_code
;GPGSDNKEQTTDQPLAKDKVALLIGNMNYREHPKLKAPLVDVYELTNLLRQLDFKVVSLLDLTEYEMRNAVDEFLLLLDK
GVYGLLYYAGHGYENFGNSFMVPVDAPNPYRSENCLCVQNILKLMQEKETGLNVFLLDMCRKRNDYDDTIPILDALKVTA
NIVFGYATCQGAEAFEIQHSGLANGIFMKFLKDRLLEDKKITVLLDEVAEDMGKCHLTKGKQALEIRSSLSEKRALTDPI
QGTEYSAESLVRNLQWAKAHELPESMCLKFDCGVQIQLGFAAEFSNVMIIYTSIVYKPPEIIMCDAYVTDFPLDLDIDPK
DANKGTPEETGSYLVSKDLPKHCLYTRLSSLQKLKEHLVFTVCLSYQYSGLEDTVEDKQEVNVGKPLIAKLDMHRGLGRK
TCFQ
;
_entity_poly.pdbx_strand_id   A,B
#
loop_
_chem_comp.id
_chem_comp.type
_chem_comp.name
_chem_comp.formula
RJK non-polymer 1-[4-[4-(aminomethyl)pyrazol-1-yl]-3-chloranyl-phenyl]-3-[(3~{R})-6-bromanyl-3,4-dihydro-2~{H}-chromen-3-yl]urea 'C20 H19 Br Cl N5 O2'
#
# COMPACT_ATOMS: atom_id res chain seq x y z
N GLN A 13 5.15 -7.53 -25.27
CA GLN A 13 6.29 -7.52 -24.36
C GLN A 13 6.61 -6.11 -23.86
N PRO A 14 6.58 -5.90 -22.53
CA PRO A 14 6.91 -4.60 -21.98
C PRO A 14 8.41 -4.34 -22.06
N LEU A 15 8.79 -3.10 -22.34
CA LEU A 15 10.19 -2.74 -22.45
C LEU A 15 10.52 -1.56 -21.55
N ALA A 16 11.78 -1.49 -21.14
CA ALA A 16 12.27 -0.41 -20.34
C ALA A 16 13.05 0.54 -21.23
N LYS A 17 12.84 1.85 -21.06
CA LYS A 17 13.63 2.83 -21.80
C LYS A 17 15.10 2.76 -21.30
N ASP A 18 15.27 2.51 -20.00
CA ASP A 18 16.52 2.31 -19.28
C ASP A 18 16.23 1.73 -17.89
N LYS A 19 17.28 1.30 -17.16
CA LYS A 19 17.11 0.73 -15.83
C LYS A 19 18.18 1.33 -14.94
N VAL A 20 17.76 2.08 -13.91
CA VAL A 20 18.68 2.79 -13.03
C VAL A 20 18.33 2.46 -11.59
N ALA A 21 19.34 2.43 -10.72
CA ALA A 21 19.08 2.11 -9.32
C ALA A 21 20.03 2.79 -8.39
N LEU A 22 19.51 3.25 -7.25
CA LEU A 22 20.30 3.89 -6.20
C LEU A 22 20.06 3.07 -4.93
N LEU A 23 21.14 2.61 -4.33
CA LEU A 23 21.10 1.77 -3.14
C LEU A 23 21.88 2.49 -2.05
N ILE A 24 21.26 2.70 -0.90
CA ILE A 24 21.90 3.35 0.23
C ILE A 24 21.84 2.39 1.42
N GLY A 25 23.00 2.18 2.06
CA GLY A 25 23.10 1.36 3.27
C GLY A 25 23.74 2.14 4.41
N ASN A 26 23.02 2.36 5.49
CA ASN A 26 23.57 3.11 6.64
C ASN A 26 23.89 2.19 7.80
N MET A 27 25.12 2.28 8.30
CA MET A 27 25.56 1.42 9.38
C MET A 27 26.17 2.15 10.55
N ASN A 28 27.08 3.09 10.29
CA ASN A 28 27.84 3.75 11.34
C ASN A 28 27.20 5.06 11.77
N TYR A 29 26.21 4.95 12.62
CA TYR A 29 25.45 6.07 13.14
C TYR A 29 26.17 6.76 14.26
N ARG A 30 26.14 8.11 14.29
CA ARG A 30 26.81 8.85 15.37
C ARG A 30 26.08 8.75 16.69
N GLU A 31 24.72 8.79 16.65
CA GLU A 31 23.87 8.84 17.84
C GLU A 31 22.93 7.65 18.01
N HIS A 32 23.14 6.59 17.26
CA HIS A 32 22.26 5.43 17.26
C HIS A 32 23.05 4.11 17.20
N PRO A 33 22.45 2.94 17.50
CA PRO A 33 23.22 1.69 17.44
C PRO A 33 23.76 1.41 16.04
N LYS A 34 24.97 0.82 15.94
CA LYS A 34 25.57 0.46 14.67
C LYS A 34 24.84 -0.73 14.08
N LEU A 35 24.71 -0.76 12.75
CA LEU A 35 24.12 -1.89 12.04
C LEU A 35 25.19 -2.61 11.21
N LYS A 36 24.95 -3.88 10.84
CA LYS A 36 25.93 -4.64 10.05
C LYS A 36 25.35 -5.15 8.74
N ALA A 37 24.08 -5.54 8.74
CA ALA A 37 23.44 -6.10 7.55
C ALA A 37 23.46 -5.19 6.31
N PRO A 38 23.33 -3.84 6.40
CA PRO A 38 23.33 -3.04 5.15
C PRO A 38 24.56 -3.21 4.24
N LEU A 39 25.74 -3.47 4.79
CA LEU A 39 26.94 -3.68 3.99
C LEU A 39 26.75 -4.87 3.02
N VAL A 40 26.39 -6.06 3.56
CA VAL A 40 26.21 -7.29 2.80
C VAL A 40 24.99 -7.21 1.88
N ASP A 41 23.92 -6.58 2.37
CA ASP A 41 22.69 -6.47 1.63
C ASP A 41 22.81 -5.57 0.42
N VAL A 42 23.47 -4.42 0.57
CA VAL A 42 23.67 -3.50 -0.54
C VAL A 42 24.57 -4.12 -1.60
N TYR A 43 25.61 -4.83 -1.15
CA TYR A 43 26.55 -5.45 -2.06
C TYR A 43 25.88 -6.55 -2.91
N GLU A 44 25.10 -7.41 -2.27
CA GLU A 44 24.42 -8.49 -2.97
C GLU A 44 23.33 -7.99 -3.92
N LEU A 45 22.58 -6.96 -3.50
CA LEU A 45 21.53 -6.40 -4.34
C LEU A 45 22.13 -5.70 -5.56
N THR A 46 23.29 -5.02 -5.38
CA THR A 46 24.01 -4.41 -6.51
C THR A 46 24.32 -5.45 -7.61
N ASN A 47 24.90 -6.61 -7.21
CA ASN A 47 25.24 -7.67 -8.16
C ASN A 47 24.03 -8.28 -8.83
N LEU A 48 22.93 -8.48 -8.09
CA LEU A 48 21.71 -9.02 -8.69
C LEU A 48 21.13 -8.02 -9.70
N LEU A 49 21.07 -6.71 -9.33
CA LEU A 49 20.55 -5.70 -10.24
C LEU A 49 21.43 -5.57 -11.48
N ARG A 50 22.76 -5.76 -11.34
CA ARG A 50 23.68 -5.73 -12.49
C ARG A 50 23.37 -6.89 -13.44
N GLN A 51 22.98 -8.06 -12.93
CA GLN A 51 22.60 -9.17 -13.81
C GLN A 51 21.33 -8.84 -14.61
N LEU A 52 20.46 -8.00 -14.06
CA LEU A 52 19.23 -7.54 -14.69
C LEU A 52 19.46 -6.28 -15.57
N ASP A 53 20.72 -5.88 -15.79
CA ASP A 53 21.15 -4.75 -16.61
C ASP A 53 20.77 -3.38 -16.06
N PHE A 54 20.68 -3.24 -14.73
CA PHE A 54 20.46 -1.93 -14.11
C PHE A 54 21.80 -1.20 -14.03
N LYS A 55 21.78 0.12 -14.20
CA LYS A 55 22.96 0.98 -13.98
C LYS A 55 22.82 1.29 -12.48
N VAL A 56 23.71 0.79 -11.62
CA VAL A 56 23.54 0.92 -10.17
C VAL A 56 24.56 1.84 -9.53
N VAL A 57 24.12 2.66 -8.58
CA VAL A 57 25.01 3.46 -7.76
C VAL A 57 24.70 3.01 -6.31
N SER A 58 25.71 2.55 -5.58
CA SER A 58 25.49 2.03 -4.25
C SER A 58 26.37 2.76 -3.24
N LEU A 59 25.74 3.47 -2.31
CA LEU A 59 26.39 4.33 -1.36
C LEU A 59 26.20 3.86 0.06
N LEU A 60 27.22 4.04 0.87
CA LEU A 60 27.22 3.59 2.26
C LEU A 60 27.41 4.73 3.21
N ASP A 61 26.72 4.72 4.37
CA ASP A 61 26.87 5.71 5.44
C ASP A 61 26.75 7.16 4.98
N LEU A 62 25.56 7.55 4.58
CA LEU A 62 25.30 8.91 4.13
C LEU A 62 24.69 9.80 5.21
N THR A 63 25.14 11.07 5.28
CA THR A 63 24.59 12.07 6.16
C THR A 63 23.25 12.57 5.53
N GLU A 64 22.52 13.46 6.23
CA GLU A 64 21.24 13.94 5.75
C GLU A 64 21.35 14.60 4.37
N TYR A 65 22.28 15.56 4.22
CA TYR A 65 22.44 16.26 2.96
C TYR A 65 22.93 15.33 1.85
N GLU A 66 23.79 14.37 2.18
CA GLU A 66 24.26 13.41 1.19
C GLU A 66 23.10 12.57 0.66
N MET A 67 22.24 12.05 1.58
CA MET A 67 21.05 11.28 1.23
C MET A 67 20.09 12.08 0.37
N ARG A 68 19.78 13.34 0.76
CA ARG A 68 18.91 14.23 0.01
C ARG A 68 19.44 14.49 -1.39
N ASN A 69 20.73 14.81 -1.52
CA ASN A 69 21.35 15.07 -2.82
C ASN A 69 21.36 13.84 -3.72
N ALA A 70 21.72 12.65 -3.18
CA ALA A 70 21.73 11.40 -3.92
C ALA A 70 20.32 11.04 -4.43
N VAL A 71 19.28 11.13 -3.57
CA VAL A 71 17.91 10.82 -3.97
C VAL A 71 17.45 11.82 -5.04
N ASP A 72 17.73 13.13 -4.85
CA ASP A 72 17.33 14.15 -5.82
C ASP A 72 17.98 13.92 -7.19
N GLU A 73 19.24 13.46 -7.20
CA GLU A 73 19.93 13.19 -8.46
C GLU A 73 19.47 11.91 -9.10
N PHE A 74 19.07 10.90 -8.30
CA PHE A 74 18.48 9.67 -8.83
C PHE A 74 17.14 10.01 -9.49
N LEU A 75 16.33 10.87 -8.85
CA LEU A 75 15.02 11.25 -9.40
C LEU A 75 15.12 11.99 -10.71
N LEU A 76 16.23 12.66 -10.98
CA LEU A 76 16.41 13.37 -12.26
C LEU A 76 16.61 12.42 -13.45
N LEU A 77 16.99 11.16 -13.19
CA LEU A 77 17.20 10.15 -14.23
C LEU A 77 15.90 9.51 -14.71
N LEU A 78 14.82 9.69 -13.97
CA LEU A 78 13.57 9.04 -14.21
C LEU A 78 12.74 9.65 -15.33
N ASP A 79 13.26 9.62 -16.57
CA ASP A 79 12.54 10.11 -17.73
C ASP A 79 11.43 9.10 -18.13
N LYS A 80 10.57 9.48 -19.08
CA LYS A 80 9.47 8.65 -19.55
C LYS A 80 9.94 7.24 -19.97
N GLY A 81 9.26 6.21 -19.45
CA GLY A 81 9.56 4.82 -19.78
C GLY A 81 10.68 4.18 -19.00
N VAL A 82 11.47 4.96 -18.25
CA VAL A 82 12.60 4.41 -17.47
C VAL A 82 12.12 3.59 -16.27
N TYR A 83 12.89 2.57 -15.87
CA TYR A 83 12.62 1.74 -14.71
C TYR A 83 13.63 2.20 -13.66
N GLY A 84 13.13 2.63 -12.52
CA GLY A 84 13.95 3.07 -11.41
C GLY A 84 13.75 2.19 -10.21
N LEU A 85 14.80 2.00 -9.42
CA LEU A 85 14.71 1.24 -8.18
C LEU A 85 15.51 1.98 -7.13
N LEU A 86 14.89 2.26 -6.01
CA LEU A 86 15.55 2.92 -4.89
C LEU A 86 15.51 1.93 -3.73
N TYR A 87 16.66 1.61 -3.16
CA TYR A 87 16.71 0.70 -2.04
C TYR A 87 17.40 1.40 -0.87
N TYR A 88 16.80 1.33 0.30
CA TYR A 88 17.41 1.88 1.51
C TYR A 88 17.46 0.80 2.60
N ALA A 89 18.62 0.62 3.24
CA ALA A 89 18.81 -0.28 4.38
C ALA A 89 19.45 0.54 5.50
N GLY A 90 18.89 0.46 6.68
CA GLY A 90 19.39 1.21 7.83
C GLY A 90 18.30 1.46 8.87
N HIS A 91 18.52 2.42 9.76
CA HIS A 91 17.53 2.77 10.74
C HIS A 91 16.41 3.59 10.09
N GLY A 92 15.23 3.35 10.56
CA GLY A 92 14.04 4.05 10.13
C GLY A 92 13.04 4.12 11.26
N TYR A 93 11.98 4.90 11.07
CA TYR A 93 10.92 5.00 12.07
C TYR A 93 9.62 5.55 11.50
N GLU A 94 8.51 5.31 12.22
CA GLU A 94 7.20 5.78 11.84
C GLU A 94 6.76 6.87 12.84
N ASN A 95 6.15 7.94 12.33
CA ASN A 95 5.65 9.06 13.13
C ASN A 95 4.49 9.70 12.39
N PHE A 96 3.28 9.62 12.96
CA PHE A 96 2.05 10.18 12.37
C PHE A 96 1.66 9.49 11.06
N GLY A 97 1.92 8.19 10.96
CA GLY A 97 1.62 7.46 9.74
C GLY A 97 2.63 7.68 8.62
N ASN A 98 3.71 8.46 8.88
CA ASN A 98 4.77 8.70 7.90
C ASN A 98 6.03 7.96 8.32
N SER A 99 6.72 7.37 7.36
CA SER A 99 7.99 6.69 7.65
C SER A 99 9.19 7.52 7.19
N PHE A 100 10.28 7.45 7.94
CA PHE A 100 11.46 8.25 7.67
C PHE A 100 12.71 7.40 7.61
N MET A 101 13.62 7.74 6.68
CA MET A 101 14.91 7.09 6.55
C MET A 101 15.90 7.89 7.38
N VAL A 102 16.65 7.22 8.27
CA VAL A 102 17.54 7.91 9.19
C VAL A 102 18.98 7.98 8.73
N PRO A 103 19.49 9.18 8.46
CA PRO A 103 20.91 9.30 8.02
C PRO A 103 21.90 9.10 9.19
N VAL A 104 23.18 8.86 8.89
CA VAL A 104 24.16 8.55 9.94
C VAL A 104 24.42 9.70 10.91
N ASP A 105 24.15 10.94 10.49
CA ASP A 105 24.37 12.07 11.38
C ASP A 105 23.13 12.50 12.16
N ALA A 106 22.05 11.72 12.13
CA ALA A 106 20.82 12.08 12.81
C ALA A 106 21.00 12.15 14.31
N PRO A 107 20.49 13.20 14.95
CA PRO A 107 20.58 13.28 16.41
C PRO A 107 19.57 12.34 17.10
N ASN A 108 19.75 12.13 18.41
CA ASN A 108 18.89 11.26 19.20
C ASN A 108 18.23 12.08 20.29
N PRO A 109 16.89 11.97 20.49
CA PRO A 109 15.91 11.17 19.73
C PRO A 109 15.71 11.62 18.28
N TYR A 110 15.11 10.76 17.44
CA TYR A 110 14.87 11.06 16.04
C TYR A 110 13.96 12.28 15.87
N ARG A 111 14.05 12.94 14.70
CA ARG A 111 13.32 14.16 14.30
C ARG A 111 12.93 14.01 12.86
N SER A 112 11.70 14.42 12.49
CA SER A 112 11.30 14.39 11.09
C SER A 112 12.22 15.25 10.19
N GLU A 113 12.61 16.45 10.69
CA GLU A 113 13.43 17.43 9.96
C GLU A 113 14.83 16.97 9.61
N ASN A 114 15.41 16.03 10.36
CA ASN A 114 16.76 15.52 10.10
C ASN A 114 16.74 14.19 9.30
N CYS A 115 15.55 13.64 9.03
CA CYS A 115 15.39 12.38 8.31
C CYS A 115 14.67 12.59 6.95
N LEU A 116 14.71 11.58 6.06
CA LEU A 116 14.05 11.69 4.76
C LEU A 116 12.67 11.04 4.81
N CYS A 117 11.63 11.81 4.51
CA CYS A 117 10.28 11.28 4.52
C CYS A 117 10.01 10.44 3.29
N VAL A 118 9.71 9.16 3.52
CA VAL A 118 9.40 8.19 2.49
C VAL A 118 8.21 8.64 1.62
N GLN A 119 7.17 9.19 2.26
CA GLN A 119 5.98 9.65 1.56
C GLN A 119 6.28 10.84 0.65
N ASN A 120 7.19 11.75 1.05
CA ASN A 120 7.58 12.86 0.19
C ASN A 120 8.27 12.33 -1.08
N ILE A 121 9.08 11.27 -0.96
CA ILE A 121 9.78 10.66 -2.09
C ILE A 121 8.80 9.96 -3.00
N LEU A 122 7.80 9.28 -2.44
CA LEU A 122 6.77 8.61 -3.25
C LEU A 122 5.99 9.65 -4.05
N LYS A 123 5.71 10.81 -3.45
CA LYS A 123 5.01 11.92 -4.11
C LYS A 123 5.84 12.48 -5.28
N LEU A 124 7.16 12.61 -5.08
CA LEU A 124 8.07 13.07 -6.14
C LEU A 124 8.13 12.03 -7.25
N MET A 125 8.12 10.73 -6.91
CA MET A 125 8.13 9.65 -7.88
C MET A 125 6.81 9.60 -8.65
N GLN A 126 5.69 9.91 -7.99
CA GLN A 126 4.35 9.93 -8.57
C GLN A 126 4.24 10.88 -9.77
N GLU A 127 5.03 11.95 -9.77
CA GLU A 127 5.02 12.93 -10.85
C GLU A 127 5.82 12.51 -12.08
N LYS A 128 6.52 11.36 -12.04
CA LYS A 128 7.32 10.89 -13.17
C LYS A 128 6.50 10.02 -14.12
N GLU A 129 6.91 9.96 -15.39
CA GLU A 129 6.23 9.09 -16.37
C GLU A 129 7.03 7.78 -16.52
N THR A 130 7.56 7.26 -15.41
CA THR A 130 8.36 6.04 -15.43
C THR A 130 7.54 4.83 -15.86
N GLY A 131 8.21 3.87 -16.48
CA GLY A 131 7.59 2.61 -16.86
C GLY A 131 7.38 1.75 -15.63
N LEU A 132 8.31 1.86 -14.65
CA LEU A 132 8.26 1.13 -13.40
C LEU A 132 9.12 1.85 -12.37
N ASN A 133 8.58 2.07 -11.17
CA ASN A 133 9.30 2.73 -10.08
C ASN A 133 9.19 1.81 -8.86
N VAL A 134 10.30 1.23 -8.42
CA VAL A 134 10.31 0.33 -7.27
C VAL A 134 11.03 1.00 -6.09
N PHE A 135 10.40 1.08 -4.93
CA PHE A 135 11.01 1.66 -3.75
C PHE A 135 10.98 0.61 -2.65
N LEU A 136 12.15 0.09 -2.28
CA LEU A 136 12.27 -0.92 -1.23
C LEU A 136 12.96 -0.32 0.00
N LEU A 137 12.30 -0.40 1.13
CA LEU A 137 12.78 0.08 2.41
C LEU A 137 13.02 -1.15 3.24
N ASP A 138 14.24 -1.32 3.73
CA ASP A 138 14.66 -2.45 4.55
C ASP A 138 15.12 -1.78 5.85
N MET A 139 14.14 -1.45 6.69
CA MET A 139 14.43 -0.66 7.87
C MET A 139 14.45 -1.45 9.16
N CYS A 140 15.16 -0.88 10.13
CA CYS A 140 15.33 -1.44 11.45
C CYS A 140 14.63 -0.48 12.40
N ARG A 141 13.64 -0.96 13.16
CA ARG A 141 12.91 -0.10 14.10
C ARG A 141 13.49 -0.15 15.53
N VAL A 158 -0.86 9.54 -17.24
CA VAL A 158 0.31 8.68 -17.44
C VAL A 158 0.95 8.35 -16.07
N THR A 159 0.37 7.36 -15.37
CA THR A 159 0.76 6.84 -14.05
C THR A 159 2.27 6.65 -13.89
N ALA A 160 2.75 6.65 -12.64
CA ALA A 160 4.18 6.45 -12.38
C ALA A 160 4.54 4.96 -12.25
N ASN A 161 3.53 4.09 -12.00
CA ASN A 161 3.70 2.65 -11.81
C ASN A 161 4.66 2.39 -10.66
N ILE A 162 4.24 2.83 -9.46
CA ILE A 162 5.02 2.68 -8.25
C ILE A 162 4.66 1.42 -7.49
N VAL A 163 5.70 0.71 -7.06
CA VAL A 163 5.63 -0.50 -6.28
C VAL A 163 6.53 -0.21 -5.10
N PHE A 164 5.97 -0.23 -3.88
CA PHE A 164 6.68 0.11 -2.66
C PHE A 164 6.71 -1.07 -1.71
N GLY A 165 7.89 -1.57 -1.40
CA GLY A 165 8.09 -2.67 -0.47
C GLY A 165 8.63 -2.13 0.83
N TYR A 166 7.88 -2.31 1.91
CA TYR A 166 8.23 -1.77 3.20
C TYR A 166 8.48 -2.89 4.21
N ALA A 167 9.74 -3.25 4.39
CA ALA A 167 10.15 -4.30 5.29
C ALA A 167 10.66 -3.72 6.62
N THR A 168 10.21 -4.27 7.75
CA THR A 168 10.60 -3.78 9.06
C THR A 168 11.08 -4.92 9.92
N CYS A 169 12.18 -4.70 10.66
CA CYS A 169 12.70 -5.69 11.59
C CYS A 169 13.04 -5.03 12.92
N GLN A 170 13.13 -5.82 14.00
CA GLN A 170 13.48 -5.34 15.34
C GLN A 170 14.97 -5.56 15.61
N GLY A 181 28.93 -11.11 12.58
CA GLY A 181 27.58 -11.11 12.02
C GLY A 181 27.57 -10.74 10.55
N LEU A 182 28.28 -11.53 9.73
CA LEU A 182 28.36 -11.28 8.28
C LEU A 182 27.14 -11.79 7.48
N ALA A 183 26.12 -12.33 8.16
CA ALA A 183 24.94 -12.83 7.48
C ALA A 183 24.08 -11.68 6.90
N ASN A 184 23.33 -11.97 5.84
CA ASN A 184 22.37 -11.04 5.25
C ASN A 184 21.31 -10.67 6.29
N GLY A 185 20.62 -9.57 6.06
CA GLY A 185 19.43 -9.23 6.83
C GLY A 185 18.30 -10.15 6.38
N ILE A 186 17.25 -10.28 7.18
CA ILE A 186 16.13 -11.19 6.85
C ILE A 186 15.51 -10.90 5.48
N PHE A 187 15.12 -9.64 5.23
CA PHE A 187 14.48 -9.26 3.97
C PHE A 187 15.31 -9.65 2.76
N MET A 188 16.59 -9.24 2.72
CA MET A 188 17.47 -9.56 1.60
C MET A 188 17.66 -11.05 1.41
N LYS A 189 17.72 -11.83 2.49
CA LYS A 189 17.80 -13.30 2.37
C LYS A 189 16.67 -13.90 1.52
N PHE A 190 15.42 -13.45 1.73
CA PHE A 190 14.27 -13.93 0.94
C PHE A 190 14.17 -13.24 -0.42
N LEU A 191 14.54 -11.96 -0.51
CA LEU A 191 14.47 -11.21 -1.76
C LEU A 191 15.46 -11.73 -2.81
N LYS A 192 16.70 -12.05 -2.40
CA LYS A 192 17.71 -12.54 -3.33
C LYS A 192 17.36 -13.90 -3.97
N ASP A 193 16.53 -14.72 -3.30
CA ASP A 193 16.11 -15.99 -3.89
C ASP A 193 15.02 -15.80 -4.98
N ARG A 194 14.38 -14.63 -5.07
CA ARG A 194 13.29 -14.40 -6.01
C ARG A 194 13.51 -13.29 -7.01
N LEU A 195 14.44 -12.38 -6.73
CA LEU A 195 14.63 -11.17 -7.54
C LEU A 195 14.90 -11.40 -9.05
N LEU A 196 15.58 -12.50 -9.41
CA LEU A 196 15.88 -12.78 -10.82
C LEU A 196 14.78 -13.44 -11.60
N GLU A 197 13.60 -13.62 -11.01
CA GLU A 197 12.50 -14.27 -11.69
C GLU A 197 11.88 -13.37 -12.74
N ASP A 198 11.54 -13.96 -13.88
CA ASP A 198 10.88 -13.26 -14.95
C ASP A 198 9.38 -13.28 -14.63
N LYS A 199 8.97 -12.52 -13.62
CA LYS A 199 7.58 -12.39 -13.20
C LYS A 199 7.33 -10.94 -12.86
N LYS A 200 6.06 -10.52 -12.91
CA LYS A 200 5.61 -9.17 -12.57
C LYS A 200 6.11 -8.83 -11.15
N ILE A 201 6.75 -7.67 -10.96
CA ILE A 201 7.35 -7.30 -9.68
C ILE A 201 6.38 -7.42 -8.48
N THR A 202 5.10 -7.11 -8.67
CA THR A 202 4.10 -7.24 -7.59
C THR A 202 3.91 -8.70 -7.22
N VAL A 203 3.84 -9.60 -8.22
CA VAL A 203 3.72 -11.04 -7.99
C VAL A 203 4.94 -11.55 -7.25
N LEU A 204 6.12 -11.14 -7.69
CA LEU A 204 7.41 -11.50 -7.12
C LEU A 204 7.50 -11.09 -5.64
N LEU A 205 7.15 -9.83 -5.30
CA LEU A 205 7.18 -9.36 -3.91
C LEU A 205 6.12 -10.08 -3.04
N ASP A 206 4.97 -10.43 -3.64
CA ASP A 206 3.91 -11.19 -2.98
C ASP A 206 4.44 -12.61 -2.65
N GLU A 207 5.26 -13.21 -3.53
CA GLU A 207 5.86 -14.50 -3.25
C GLU A 207 6.84 -14.36 -2.09
N VAL A 208 7.64 -13.29 -2.06
CA VAL A 208 8.59 -13.01 -0.97
C VAL A 208 7.85 -12.91 0.35
N ALA A 209 6.74 -12.16 0.40
CA ALA A 209 5.94 -12.04 1.63
C ALA A 209 5.42 -13.42 2.08
N GLU A 210 5.03 -14.27 1.12
CA GLU A 210 4.55 -15.60 1.44
C GLU A 210 5.67 -16.53 1.95
N ASP A 211 6.90 -16.38 1.43
CA ASP A 211 8.04 -17.19 1.88
C ASP A 211 8.37 -16.86 3.33
N MET A 212 8.34 -15.56 3.68
CA MET A 212 8.58 -15.10 5.05
C MET A 212 7.48 -15.55 6.00
N GLY A 213 6.25 -15.66 5.52
CA GLY A 213 5.13 -16.16 6.30
C GLY A 213 5.16 -17.64 6.56
N LYS A 214 5.96 -18.40 5.79
CA LYS A 214 6.13 -19.85 5.94
C LYS A 214 7.27 -20.17 6.93
N CYS A 215 8.32 -19.36 6.88
CA CYS A 215 9.55 -19.52 7.63
C CYS A 215 9.39 -19.12 9.09
N HIS A 216 9.65 -20.06 10.02
CA HIS A 216 9.50 -19.78 11.45
C HIS A 216 10.41 -18.68 11.96
N LEU A 217 11.60 -18.55 11.37
CA LEU A 217 12.59 -17.53 11.73
C LEU A 217 12.01 -16.08 11.71
N THR A 218 11.19 -15.73 10.69
CA THR A 218 10.61 -14.40 10.57
C THR A 218 9.54 -14.13 11.63
N GLN A 222 10.34 -9.91 11.59
CA GLN A 222 10.40 -9.35 10.23
C GLN A 222 9.02 -9.29 9.56
N ALA A 223 8.60 -8.09 9.14
CA ALA A 223 7.32 -7.86 8.47
C ALA A 223 7.52 -7.25 7.07
N LEU A 224 6.53 -7.39 6.19
CA LEU A 224 6.58 -6.85 4.84
C LEU A 224 5.23 -6.32 4.39
N GLU A 225 5.17 -5.06 3.99
CA GLU A 225 3.97 -4.45 3.45
C GLU A 225 4.30 -4.05 2.00
N ILE A 226 3.42 -4.36 1.05
CA ILE A 226 3.59 -4.00 -0.34
C ILE A 226 2.49 -3.04 -0.76
N ARG A 227 2.86 -1.86 -1.24
CA ARG A 227 1.91 -0.87 -1.73
C ARG A 227 2.13 -0.72 -3.22
N SER A 228 1.09 -0.85 -4.03
CA SER A 228 1.25 -0.81 -5.47
C SER A 228 0.14 -0.12 -6.23
N SER A 229 0.53 0.61 -7.25
CA SER A 229 -0.41 1.23 -8.19
C SER A 229 0.02 0.82 -9.62
N LEU A 230 0.59 -0.38 -9.80
CA LEU A 230 1.08 -0.91 -11.07
C LEU A 230 -0.07 -1.52 -11.85
N SER A 231 -0.35 -0.95 -13.03
CA SER A 231 -1.47 -1.37 -13.90
C SER A 231 -1.07 -2.11 -15.17
N GLU A 232 0.22 -2.42 -15.34
CA GLU A 232 0.78 -3.09 -16.52
C GLU A 232 1.71 -4.21 -16.04
N LYS A 233 1.94 -5.20 -16.89
CA LYS A 233 2.79 -6.33 -16.52
C LYS A 233 4.27 -5.97 -16.57
N ARG A 234 4.79 -5.28 -15.54
CA ARG A 234 6.20 -4.87 -15.54
C ARG A 234 7.03 -5.79 -14.66
N ALA A 235 8.26 -6.11 -15.10
CA ALA A 235 9.19 -6.98 -14.41
C ALA A 235 10.59 -6.40 -14.49
N LEU A 236 11.42 -6.60 -13.45
CA LEU A 236 12.81 -6.13 -13.47
C LEU A 236 13.63 -6.76 -14.60
N THR A 237 13.17 -7.89 -15.17
CA THR A 237 13.82 -8.62 -16.24
C THR A 237 13.43 -8.10 -17.65
N ASP A 238 12.51 -7.12 -17.77
CA ASP A 238 12.11 -6.60 -19.08
C ASP A 238 13.31 -6.06 -19.86
N PRO A 239 13.39 -6.31 -21.18
CA PRO A 239 14.56 -5.83 -21.92
C PRO A 239 14.61 -4.31 -22.03
N ILE A 240 15.81 -3.77 -22.26
CA ILE A 240 15.95 -2.34 -22.48
C ILE A 240 15.82 -2.10 -23.98
N GLN A 241 14.81 -1.29 -24.36
CA GLN A 241 14.46 -0.91 -25.72
C GLN A 241 15.66 -0.42 -26.50
N GLU A 244 21.38 3.54 -26.92
CA GLU A 244 20.70 4.65 -27.59
C GLU A 244 21.61 5.89 -27.68
N TYR A 245 21.44 6.69 -28.74
CA TYR A 245 22.24 7.87 -29.01
C TYR A 245 21.56 9.20 -28.64
N SER A 246 20.39 9.17 -28.00
CA SER A 246 19.69 10.40 -27.63
C SER A 246 20.38 11.10 -26.44
N ALA A 247 20.24 12.43 -26.32
CA ALA A 247 20.85 13.21 -25.24
C ALA A 247 20.44 12.71 -23.85
N GLU A 248 19.15 12.39 -23.67
CA GLU A 248 18.62 11.88 -22.41
C GLU A 248 19.26 10.55 -22.04
N SER A 249 19.44 9.68 -23.03
CA SER A 249 20.07 8.37 -22.82
C SER A 249 21.54 8.54 -22.47
N LEU A 250 22.21 9.49 -23.14
CA LEU A 250 23.61 9.75 -22.93
C LEU A 250 23.89 10.36 -21.56
N VAL A 251 22.96 11.17 -21.02
CA VAL A 251 23.09 11.77 -19.69
C VAL A 251 23.10 10.67 -18.64
N ARG A 252 22.25 9.65 -18.78
CA ARG A 252 22.20 8.54 -17.83
C ARG A 252 23.44 7.68 -17.92
N ASN A 253 23.89 7.36 -19.16
CA ASN A 253 25.13 6.60 -19.32
C ASN A 253 26.32 7.34 -18.76
N LEU A 254 26.39 8.66 -18.95
CA LEU A 254 27.49 9.47 -18.43
C LEU A 254 27.53 9.50 -16.90
N GLN A 255 26.39 9.61 -16.23
CA GLN A 255 26.35 9.61 -14.75
C GLN A 255 26.85 8.26 -14.23
N TRP A 256 26.39 7.15 -14.84
CA TRP A 256 26.85 5.82 -14.47
C TRP A 256 28.37 5.70 -14.66
N ALA A 257 28.86 6.04 -15.87
CA ALA A 257 30.28 5.96 -16.23
C ALA A 257 31.17 6.73 -15.27
N LYS A 258 30.77 7.92 -14.89
CA LYS A 258 31.55 8.73 -13.96
C LYS A 258 31.62 8.08 -12.58
N ALA A 259 30.46 7.64 -12.04
CA ALA A 259 30.34 7.00 -10.73
C ALA A 259 31.10 5.67 -10.62
N HIS A 260 31.44 5.04 -11.77
CA HIS A 260 32.19 3.78 -11.80
C HIS A 260 33.65 3.94 -12.22
N GLU A 261 34.09 5.17 -12.48
CA GLU A 261 35.45 5.41 -12.90
C GLU A 261 36.51 5.29 -11.82
N LEU A 262 37.37 4.30 -11.95
CA LEU A 262 38.48 4.05 -11.04
C LEU A 262 39.75 4.63 -11.64
N PRO A 263 40.69 5.12 -10.79
CA PRO A 263 41.99 5.55 -11.33
C PRO A 263 42.73 4.34 -11.96
N GLU A 264 43.53 4.58 -12.99
CA GLU A 264 44.31 3.51 -13.61
C GLU A 264 45.43 3.10 -12.67
N SER A 265 45.84 1.83 -12.71
CA SER A 265 46.98 1.36 -11.90
C SER A 265 48.26 2.13 -12.26
N MET A 266 49.15 2.38 -11.29
CA MET A 266 50.37 3.16 -11.54
C MET A 266 51.63 2.45 -11.10
N CYS A 267 52.71 2.59 -11.88
CA CYS A 267 54.01 2.06 -11.48
C CYS A 267 54.83 3.27 -11.07
N LEU A 268 55.14 3.40 -9.78
CA LEU A 268 55.91 4.53 -9.28
C LEU A 268 57.38 4.20 -9.24
N LYS A 269 58.20 5.05 -9.85
CA LYS A 269 59.63 4.81 -9.89
C LYS A 269 60.38 5.79 -9.01
N PHE A 270 61.11 5.27 -8.02
CA PHE A 270 61.84 6.09 -7.09
C PHE A 270 63.29 6.21 -7.52
N ASP A 271 63.99 7.29 -7.06
CA ASP A 271 65.39 7.55 -7.41
C ASP A 271 66.33 6.40 -7.12
N CYS A 272 66.09 5.67 -6.02
CA CYS A 272 66.93 4.52 -5.66
C CYS A 272 66.78 3.31 -6.60
N GLY A 273 65.82 3.37 -7.53
CA GLY A 273 65.58 2.27 -8.46
C GLY A 273 64.41 1.38 -8.07
N VAL A 274 63.86 1.56 -6.85
CA VAL A 274 62.72 0.77 -6.40
C VAL A 274 61.45 1.18 -7.14
N GLN A 275 60.64 0.18 -7.55
CA GLN A 275 59.39 0.43 -8.24
C GLN A 275 58.25 -0.14 -7.42
N ILE A 276 57.20 0.65 -7.24
CA ILE A 276 56.04 0.28 -6.45
C ILE A 276 54.81 0.39 -7.32
N GLN A 277 54.01 -0.67 -7.41
CA GLN A 277 52.76 -0.61 -8.16
C GLN A 277 51.64 -0.29 -7.21
N LEU A 278 50.80 0.63 -7.62
CA LEU A 278 49.68 1.13 -6.87
C LEU A 278 48.43 0.73 -7.65
N GLY A 279 47.49 0.11 -6.95
CA GLY A 279 46.26 -0.38 -7.52
C GLY A 279 45.00 0.13 -6.86
N PHE A 280 43.88 0.02 -7.57
CA PHE A 280 42.59 0.55 -7.14
C PHE A 280 41.50 -0.42 -7.46
N ALA A 281 40.62 -0.67 -6.50
CA ALA A 281 39.48 -1.56 -6.72
C ALA A 281 38.23 -0.89 -6.13
N ALA A 282 37.04 -1.17 -6.69
CA ALA A 282 35.82 -0.56 -6.17
C ALA A 282 35.06 -1.56 -5.31
N GLU A 283 34.64 -1.16 -4.12
CA GLU A 283 33.78 -2.03 -3.30
C GLU A 283 32.32 -1.53 -3.39
N PHE A 284 32.16 -0.22 -3.32
CA PHE A 284 30.90 0.50 -3.39
C PHE A 284 31.20 1.81 -4.18
N SER A 285 30.15 2.54 -4.58
CA SER A 285 30.34 3.78 -5.33
C SER A 285 31.10 4.84 -4.52
N ASN A 286 31.10 4.73 -3.17
CA ASN A 286 31.85 5.67 -2.33
C ASN A 286 32.92 4.99 -1.47
N VAL A 287 33.36 3.76 -1.87
CA VAL A 287 34.35 2.98 -1.12
C VAL A 287 35.33 2.36 -2.13
N MET A 288 36.58 2.76 -2.07
CA MET A 288 37.61 2.27 -2.97
C MET A 288 38.74 1.66 -2.15
N ILE A 289 39.28 0.54 -2.60
CA ILE A 289 40.44 -0.08 -1.96
C ILE A 289 41.69 0.30 -2.73
N ILE A 290 42.73 0.72 -2.03
CA ILE A 290 44.02 1.05 -2.64
C ILE A 290 45.03 0.01 -2.17
N TYR A 291 45.89 -0.48 -3.07
CA TYR A 291 46.88 -1.46 -2.66
C TYR A 291 48.24 -1.20 -3.29
N THR A 292 49.31 -1.41 -2.52
CA THR A 292 50.68 -1.19 -3.01
C THR A 292 51.47 -2.51 -3.01
N SER A 293 52.38 -2.65 -3.95
CA SER A 293 53.24 -3.83 -4.03
C SER A 293 54.64 -3.41 -4.51
N ILE A 294 55.70 -4.06 -4.03
CA ILE A 294 57.07 -3.79 -4.51
C ILE A 294 57.27 -4.61 -5.76
N VAL A 295 57.33 -3.98 -6.94
CA VAL A 295 57.49 -4.73 -8.19
C VAL A 295 58.98 -4.98 -8.45
N TYR A 296 59.86 -4.02 -8.08
CA TYR A 296 61.29 -4.21 -8.28
C TYR A 296 62.09 -3.55 -7.18
N LYS A 297 63.04 -4.30 -6.65
CA LYS A 297 63.96 -3.83 -5.62
C LYS A 297 65.38 -4.11 -6.12
N PRO A 298 66.20 -3.08 -6.35
CA PRO A 298 67.57 -3.32 -6.80
C PRO A 298 68.35 -4.21 -5.84
N PRO A 299 69.24 -5.07 -6.36
CA PRO A 299 70.02 -5.98 -5.49
C PRO A 299 70.77 -5.31 -4.34
N GLU A 300 71.30 -4.08 -4.55
CA GLU A 300 72.02 -3.36 -3.50
C GLU A 300 71.13 -2.87 -2.34
N ILE A 301 69.80 -3.04 -2.45
CA ILE A 301 68.86 -2.66 -1.40
C ILE A 301 68.40 -3.93 -0.69
N ILE A 302 68.95 -4.12 0.52
CA ILE A 302 68.79 -5.29 1.37
C ILE A 302 67.38 -5.43 1.96
N MET A 303 66.66 -4.30 2.11
CA MET A 303 65.28 -4.27 2.61
C MET A 303 64.59 -2.93 2.34
N CYS A 304 63.30 -2.98 2.01
CA CYS A 304 62.51 -1.78 1.76
C CYS A 304 61.03 -2.01 2.02
N ASP A 305 60.36 -0.97 2.48
CA ASP A 305 58.94 -1.01 2.75
C ASP A 305 58.27 0.21 2.16
N ALA A 306 57.09 0.01 1.59
CA ALA A 306 56.34 1.12 1.00
C ALA A 306 55.00 1.28 1.72
N TYR A 307 54.44 2.49 1.72
CA TYR A 307 53.16 2.72 2.39
C TYR A 307 52.53 4.04 1.97
N VAL A 308 51.21 4.16 2.11
CA VAL A 308 50.48 5.35 1.73
C VAL A 308 50.17 6.22 2.94
N THR A 309 50.19 7.55 2.75
CA THR A 309 49.92 8.51 3.81
C THR A 309 49.44 9.87 3.23
N ASP A 310 49.08 10.85 4.11
CA ASP A 310 48.70 12.21 3.72
C ASP A 310 47.42 12.25 2.88
N PHE A 311 46.40 11.47 3.29
CA PHE A 311 45.11 11.51 2.59
C PHE A 311 44.38 12.80 2.95
N PRO A 312 43.54 13.34 2.04
CA PRO A 312 42.79 14.58 2.37
C PRO A 312 41.98 14.44 3.66
N LEU A 313 41.96 15.48 4.51
CA LEU A 313 41.25 15.39 5.79
C LEU A 313 39.74 15.11 5.70
N ASP A 314 39.11 15.44 4.54
CA ASP A 314 37.67 15.20 4.31
C ASP A 314 37.32 13.71 4.44
N LEU A 315 38.25 12.85 4.02
CA LEU A 315 38.05 11.42 4.03
C LEU A 315 38.10 10.80 5.41
N ASP A 316 38.67 11.51 6.41
CA ASP A 316 38.78 11.02 7.78
C ASP A 316 39.35 9.59 7.88
N ILE A 317 40.44 9.31 7.18
CA ILE A 317 41.06 7.99 7.21
C ILE A 317 41.94 7.90 8.45
N ASP A 318 41.70 6.88 9.29
CA ASP A 318 42.54 6.68 10.47
C ASP A 318 43.79 5.94 9.98
N PRO A 319 44.99 6.52 10.16
CA PRO A 319 46.21 5.84 9.68
C PRO A 319 46.48 4.50 10.34
N LYS A 320 45.92 4.25 11.54
CA LYS A 320 46.11 2.94 12.17
C LYS A 320 45.38 1.84 11.35
N ASP A 321 44.41 2.21 10.48
CA ASP A 321 43.66 1.25 9.67
C ASP A 321 44.14 1.13 8.20
N ALA A 322 45.12 1.94 7.82
CA ALA A 322 45.66 1.94 6.48
C ALA A 322 46.89 0.98 6.43
N ASN A 323 47.39 0.65 5.22
CA ASN A 323 48.58 -0.19 5.07
C ASN A 323 48.50 -1.51 5.80
N LYS A 324 47.39 -2.22 5.61
CA LYS A 324 47.19 -3.52 6.26
C LYS A 324 47.73 -4.67 5.41
N GLY A 325 48.17 -5.74 6.07
CA GLY A 325 48.66 -6.92 5.36
C GLY A 325 47.58 -7.71 4.64
N THR A 326 46.30 -7.53 5.03
CA THR A 326 45.17 -8.21 4.40
C THR A 326 44.06 -7.19 4.16
N PRO A 327 43.21 -7.39 3.13
CA PRO A 327 42.09 -6.44 2.93
C PRO A 327 41.09 -6.47 4.09
N GLU A 328 40.89 -7.63 4.71
CA GLU A 328 39.93 -7.80 5.80
C GLU A 328 40.24 -6.91 6.99
N GLU A 329 41.53 -6.68 7.29
CA GLU A 329 41.92 -5.81 8.39
C GLU A 329 41.50 -4.35 8.18
N THR A 330 41.24 -3.93 6.93
CA THR A 330 40.77 -2.57 6.67
C THR A 330 39.22 -2.46 6.77
N GLY A 331 38.55 -3.56 7.08
CA GLY A 331 37.10 -3.61 7.10
C GLY A 331 36.54 -3.91 5.71
N SER A 332 37.38 -4.46 4.79
CA SER A 332 37.00 -4.78 3.43
C SER A 332 36.98 -6.30 3.20
N TYR A 333 35.83 -6.97 3.19
CA TYR A 333 35.85 -8.43 2.93
C TYR A 333 34.99 -8.86 1.74
N LEU A 334 34.29 -7.92 1.10
CA LEU A 334 33.46 -8.28 -0.04
C LEU A 334 34.21 -8.39 -1.37
N VAL A 335 35.25 -7.56 -1.60
CA VAL A 335 35.97 -7.61 -2.85
C VAL A 335 37.31 -8.30 -2.79
N SER A 336 37.63 -8.98 -1.68
CA SER A 336 38.91 -9.68 -1.50
C SER A 336 39.30 -10.62 -2.66
N LYS A 337 38.30 -11.13 -3.37
CA LYS A 337 38.44 -12.01 -4.52
C LYS A 337 39.13 -11.28 -5.68
N ASP A 338 38.81 -10.00 -5.88
CA ASP A 338 39.38 -9.19 -6.97
C ASP A 338 40.65 -8.44 -6.55
N LEU A 339 41.30 -8.84 -5.45
CA LEU A 339 42.51 -8.14 -5.01
C LEU A 339 43.69 -9.07 -5.09
N PRO A 340 44.83 -8.60 -5.63
CA PRO A 340 46.01 -9.44 -5.64
C PRO A 340 46.53 -9.64 -4.22
N LYS A 341 47.20 -10.77 -3.97
CA LYS A 341 47.73 -11.08 -2.65
C LYS A 341 49.09 -10.39 -2.46
N HIS A 342 49.58 -10.39 -1.21
CA HIS A 342 50.92 -9.89 -0.86
C HIS A 342 51.10 -8.37 -1.10
N CYS A 343 50.02 -7.62 -0.95
CA CYS A 343 50.03 -6.17 -1.06
C CYS A 343 49.76 -5.56 0.33
N LEU A 344 49.76 -4.23 0.41
CA LEU A 344 49.32 -3.52 1.60
C LEU A 344 48.04 -2.82 1.17
N TYR A 345 46.97 -2.98 1.94
CA TYR A 345 45.66 -2.46 1.57
C TYR A 345 45.18 -1.33 2.44
N THR A 346 44.47 -0.42 1.82
CA THR A 346 43.91 0.75 2.51
C THR A 346 42.50 0.96 2.02
N ARG A 347 41.55 1.15 2.92
CA ARG A 347 40.16 1.35 2.50
C ARG A 347 39.75 2.80 2.59
N LEU A 348 39.42 3.43 1.45
CA LEU A 348 38.91 4.83 1.45
C LEU A 348 37.40 4.76 1.30
N SER A 349 36.64 4.93 2.41
CA SER A 349 35.20 4.73 2.44
C SER A 349 34.27 5.94 2.55
N SER A 350 34.76 7.15 2.33
CA SER A 350 33.85 8.32 2.39
C SER A 350 34.14 9.24 1.22
N LEU A 351 34.26 8.66 0.01
CA LEU A 351 34.58 9.36 -1.22
C LEU A 351 33.61 10.48 -1.58
N GLN A 352 32.37 10.40 -1.10
CA GLN A 352 31.40 11.47 -1.32
C GLN A 352 31.78 12.77 -0.59
N LYS A 353 32.73 12.73 0.36
CA LYS A 353 33.18 13.92 1.07
C LYS A 353 34.43 14.56 0.40
N LEU A 354 34.99 13.93 -0.65
CA LEU A 354 36.16 14.44 -1.35
C LEU A 354 35.69 15.56 -2.27
N LYS A 355 36.12 16.79 -2.02
CA LYS A 355 35.71 17.94 -2.83
C LYS A 355 36.62 18.20 -4.02
N GLU A 356 37.95 18.04 -3.83
CA GLU A 356 38.89 18.25 -4.94
C GLU A 356 39.55 16.90 -5.35
N HIS A 357 40.65 16.91 -6.12
CA HIS A 357 41.31 15.70 -6.57
C HIS A 357 41.88 14.90 -5.39
N LEU A 358 41.92 13.57 -5.53
CA LEU A 358 42.49 12.73 -4.50
C LEU A 358 44.01 12.76 -4.65
N VAL A 359 44.67 13.47 -3.73
CA VAL A 359 46.09 13.61 -3.71
C VAL A 359 46.61 12.96 -2.43
N PHE A 360 47.58 12.05 -2.54
CA PHE A 360 48.13 11.37 -1.36
C PHE A 360 49.59 10.99 -1.59
N THR A 361 50.32 10.59 -0.55
CA THR A 361 51.72 10.27 -0.67
C THR A 361 52.05 8.79 -0.54
N VAL A 362 52.99 8.32 -1.34
CA VAL A 362 53.51 6.97 -1.24
C VAL A 362 54.92 7.12 -0.68
N CYS A 363 55.14 6.66 0.53
CA CYS A 363 56.44 6.72 1.18
C CYS A 363 57.19 5.43 0.96
N LEU A 364 58.49 5.52 0.97
CA LEU A 364 59.38 4.39 0.82
C LEU A 364 60.47 4.53 1.87
N SER A 365 60.69 3.50 2.68
CA SER A 365 61.78 3.45 3.66
C SER A 365 62.65 2.26 3.28
N TYR A 366 63.93 2.49 3.05
CA TYR A 366 64.82 1.40 2.59
C TYR A 366 66.22 1.41 3.25
N GLN A 367 66.99 0.33 3.06
CA GLN A 367 68.32 0.23 3.65
C GLN A 367 69.27 -0.43 2.67
N TYR A 368 70.44 0.19 2.42
CA TYR A 368 71.41 -0.38 1.47
C TYR A 368 72.27 -1.45 2.13
N SER A 369 72.68 -2.45 1.34
CA SER A 369 73.56 -3.53 1.79
C SER A 369 74.90 -2.92 2.19
N GLY A 370 75.37 -3.27 3.38
CA GLY A 370 76.62 -2.73 3.91
C GLY A 370 76.45 -1.47 4.74
N LEU A 371 75.21 -0.93 4.82
CA LEU A 371 74.95 0.28 5.60
C LEU A 371 73.93 0.03 6.71
N GLU A 372 74.00 0.83 7.79
CA GLU A 372 73.12 0.64 8.93
C GLU A 372 71.89 1.55 8.92
N ASP A 373 72.05 2.82 8.55
CA ASP A 373 70.93 3.77 8.54
C ASP A 373 69.88 3.49 7.45
N THR A 374 68.62 3.85 7.76
CA THR A 374 67.47 3.70 6.86
C THR A 374 67.23 5.01 6.10
N VAL A 375 67.17 4.92 4.77
CA VAL A 375 66.95 6.04 3.86
C VAL A 375 65.44 6.20 3.61
N GLU A 376 64.95 7.43 3.60
CA GLU A 376 63.52 7.70 3.36
C GLU A 376 63.34 8.44 2.05
N ASP A 377 62.22 8.19 1.41
CA ASP A 377 61.83 8.85 0.17
C ASP A 377 60.30 8.85 0.09
N LYS A 378 59.72 9.73 -0.73
CA LYS A 378 58.29 9.84 -0.88
C LYS A 378 57.92 10.55 -2.17
N GLN A 379 56.73 10.21 -2.68
CA GLN A 379 56.21 10.72 -3.93
C GLN A 379 54.70 11.06 -3.82
N GLU A 380 54.35 12.31 -4.12
CA GLU A 380 52.96 12.74 -4.09
C GLU A 380 52.28 12.22 -5.35
N VAL A 381 51.06 11.68 -5.20
CA VAL A 381 50.31 11.05 -6.27
C VAL A 381 48.94 11.72 -6.41
N ASN A 382 48.52 12.05 -7.65
CA ASN A 382 47.22 12.67 -7.89
C ASN A 382 46.43 11.71 -8.76
N VAL A 383 45.37 11.10 -8.23
CA VAL A 383 44.60 10.13 -9.01
C VAL A 383 43.21 10.65 -9.45
N GLY A 384 43.02 11.97 -9.46
CA GLY A 384 41.77 12.58 -9.88
C GLY A 384 40.62 12.38 -8.92
N LYS A 385 39.36 12.40 -9.42
CA LYS A 385 38.19 12.21 -8.57
C LYS A 385 37.62 10.83 -8.84
N PRO A 386 37.82 9.85 -7.94
CA PRO A 386 37.34 8.49 -8.22
C PRO A 386 35.89 8.24 -7.84
N LEU A 387 35.22 7.37 -8.60
CA LEU A 387 33.90 6.87 -8.36
C LEU A 387 32.88 8.01 -8.08
N ILE A 388 32.06 7.97 -7.00
CA ILE A 388 31.04 8.99 -6.74
C ILE A 388 31.61 10.41 -6.73
N ALA A 389 32.89 10.57 -6.34
CA ALA A 389 33.54 11.88 -6.33
C ALA A 389 33.65 12.52 -7.73
N LYS A 390 33.55 11.72 -8.81
CA LYS A 390 33.60 12.26 -10.17
C LYS A 390 32.34 13.08 -10.52
N LEU A 391 31.23 12.88 -9.76
CA LEU A 391 29.98 13.61 -9.92
C LEU A 391 30.00 15.00 -9.25
N ASP A 392 31.14 15.40 -8.66
CA ASP A 392 31.33 16.71 -8.01
C ASP A 392 30.50 16.87 -6.73
N MET A 393 31.16 16.61 -5.62
CA MET A 393 30.61 16.63 -4.29
C MET A 393 30.70 18.05 -3.72
N HIS A 394 29.66 18.46 -3.00
CA HIS A 394 29.58 19.83 -2.52
C HIS A 394 28.98 19.96 -1.12
N ARG A 395 29.27 21.09 -0.47
CA ARG A 395 28.65 21.42 0.79
C ARG A 395 27.23 21.92 0.45
N GLY A 396 26.28 21.59 1.32
CA GLY A 396 24.93 22.06 1.16
C GLY A 396 23.97 21.18 0.38
N LEU A 397 22.74 21.68 0.26
CA LEU A 397 21.61 21.05 -0.39
C LEU A 397 21.40 21.61 -1.79
N GLY A 398 21.31 20.72 -2.77
CA GLY A 398 21.11 21.09 -4.16
C GLY A 398 22.32 21.70 -4.81
N ASP B 12 -0.60 -26.26 2.40
CA ASP B 12 -1.91 -26.83 2.74
C ASP B 12 -3.03 -25.79 2.64
N GLN B 13 -4.25 -26.26 2.38
CA GLN B 13 -5.47 -25.47 2.20
C GLN B 13 -5.81 -24.54 3.38
N PRO B 14 -5.83 -23.23 3.11
CA PRO B 14 -6.20 -22.27 4.15
C PRO B 14 -7.70 -22.29 4.42
N LEU B 15 -8.08 -22.12 5.68
CA LEU B 15 -9.47 -22.14 6.07
C LEU B 15 -9.86 -20.89 6.83
N ALA B 16 -11.13 -20.53 6.78
CA ALA B 16 -11.65 -19.40 7.51
C ALA B 16 -12.41 -19.91 8.73
N LYS B 17 -12.23 -19.28 9.90
CA LYS B 17 -13.02 -19.62 11.08
C LYS B 17 -14.50 -19.21 10.76
N ASP B 18 -14.67 -18.06 10.11
CA ASP B 18 -15.95 -17.50 9.67
C ASP B 18 -15.69 -16.39 8.63
N LYS B 19 -16.74 -15.91 7.97
CA LYS B 19 -16.60 -14.87 6.95
C LYS B 19 -17.69 -13.85 7.19
N VAL B 20 -17.30 -12.61 7.50
CA VAL B 20 -18.23 -11.53 7.83
C VAL B 20 -17.91 -10.31 7.00
N ALA B 21 -18.93 -9.53 6.66
CA ALA B 21 -18.70 -8.34 5.83
C ALA B 21 -19.65 -7.25 6.13
N LEU B 22 -19.14 -6.00 6.14
CA LEU B 22 -19.96 -4.80 6.34
C LEU B 22 -19.74 -3.94 5.09
N LEU B 23 -20.82 -3.56 4.44
CA LEU B 23 -20.81 -2.75 3.22
C LEU B 23 -21.60 -1.50 3.50
N ILE B 24 -20.99 -0.33 3.28
CA ILE B 24 -21.64 0.94 3.45
C ILE B 24 -21.60 1.69 2.10
N GLY B 25 -22.76 2.18 1.68
CA GLY B 25 -22.89 3.00 0.47
C GLY B 25 -23.54 4.33 0.78
N ASN B 26 -22.84 5.44 0.61
CA ASN B 26 -23.41 6.76 0.87
C ASN B 26 -23.75 7.50 -0.40
N MET B 27 -24.99 7.96 -0.52
CA MET B 27 -25.44 8.62 -1.72
C MET B 27 -26.10 9.96 -1.49
N ASN B 28 -27.00 10.04 -0.51
CA ASN B 28 -27.79 11.24 -0.30
C ASN B 28 -27.17 12.14 0.77
N TYR B 29 -26.19 12.92 0.33
CA TYR B 29 -25.45 13.85 1.15
C TYR B 29 -26.23 15.12 1.33
N ARG B 30 -26.24 15.63 2.55
CA ARG B 30 -26.94 16.85 2.84
C ARG B 30 -26.23 18.08 2.23
N GLU B 31 -24.90 18.21 2.39
CA GLU B 31 -24.19 19.39 1.85
C GLU B 31 -23.21 19.11 0.69
N HIS B 32 -23.28 17.92 0.08
CA HIS B 32 -22.38 17.53 -1.01
C HIS B 32 -23.14 16.93 -2.21
N PRO B 33 -22.53 16.78 -3.41
CA PRO B 33 -23.28 16.22 -4.55
C PRO B 33 -23.76 14.80 -4.27
N LYS B 34 -24.98 14.48 -4.69
CA LYS B 34 -25.52 13.14 -4.47
C LYS B 34 -24.91 12.15 -5.45
N LEU B 35 -24.64 10.93 -4.96
CA LEU B 35 -24.05 9.87 -5.77
C LEU B 35 -25.11 8.82 -6.12
N LYS B 36 -24.90 8.03 -7.18
CA LYS B 36 -25.87 7.01 -7.59
C LYS B 36 -25.31 5.61 -7.56
N ALA B 37 -24.03 5.46 -7.93
CA ALA B 37 -23.38 4.16 -8.03
C ALA B 37 -23.38 3.36 -6.73
N PRO B 38 -23.23 3.93 -5.50
CA PRO B 38 -23.21 3.07 -4.30
C PRO B 38 -24.43 2.15 -4.12
N LEU B 39 -25.63 2.54 -4.57
CA LEU B 39 -26.82 1.70 -4.46
C LEU B 39 -26.62 0.36 -5.20
N VAL B 40 -26.27 0.42 -6.49
CA VAL B 40 -26.08 -0.75 -7.35
C VAL B 40 -24.83 -1.53 -6.95
N ASP B 41 -23.77 -0.83 -6.56
CA ASP B 41 -22.51 -1.46 -6.18
C ASP B 41 -22.62 -2.25 -4.89
N VAL B 42 -23.29 -1.68 -3.89
CA VAL B 42 -23.45 -2.37 -2.61
C VAL B 42 -24.36 -3.59 -2.79
N TYR B 43 -25.41 -3.47 -3.61
CA TYR B 43 -26.35 -4.57 -3.83
C TYR B 43 -25.66 -5.74 -4.53
N GLU B 44 -24.89 -5.45 -5.57
CA GLU B 44 -24.19 -6.50 -6.32
C GLU B 44 -23.08 -7.15 -5.52
N LEU B 45 -22.33 -6.37 -4.73
CA LEU B 45 -21.25 -6.92 -3.91
C LEU B 45 -21.82 -7.80 -2.81
N THR B 46 -22.98 -7.42 -2.23
CA THR B 46 -23.67 -8.24 -1.22
C THR B 46 -23.95 -9.66 -1.77
N ASN B 47 -24.57 -9.75 -2.98
CA ASN B 47 -24.88 -11.01 -3.61
C ASN B 47 -23.64 -11.83 -3.95
N LEU B 48 -22.57 -11.18 -4.44
CA LEU B 48 -21.34 -11.93 -4.74
C LEU B 48 -20.72 -12.47 -3.44
N LEU B 49 -20.66 -11.64 -2.37
CA LEU B 49 -20.10 -12.10 -1.10
C LEU B 49 -20.97 -13.21 -0.50
N ARG B 50 -22.30 -13.19 -0.71
CA ARG B 50 -23.18 -14.26 -0.24
C ARG B 50 -22.85 -15.58 -0.96
N GLN B 51 -22.49 -15.52 -2.24
CA GLN B 51 -22.08 -16.73 -2.97
C GLN B 51 -20.79 -17.33 -2.40
N LEU B 52 -19.93 -16.49 -1.82
CA LEU B 52 -18.70 -16.89 -1.15
C LEU B 52 -18.91 -17.24 0.34
N ASP B 53 -20.18 -17.32 0.81
CA ASP B 53 -20.60 -17.68 2.15
C ASP B 53 -20.25 -16.65 3.23
N PHE B 54 -20.17 -15.36 2.86
CA PHE B 54 -19.97 -14.29 3.84
C PHE B 54 -21.32 -13.98 4.51
N LYS B 55 -21.32 -13.65 5.80
CA LYS B 55 -22.50 -13.15 6.50
C LYS B 55 -22.37 -11.64 6.23
N VAL B 56 -23.28 -11.04 5.46
CA VAL B 56 -23.15 -9.63 5.06
C VAL B 56 -24.15 -8.71 5.69
N VAL B 57 -23.73 -7.51 6.09
CA VAL B 57 -24.64 -6.47 6.53
C VAL B 57 -24.37 -5.29 5.58
N SER B 58 -25.39 -4.80 4.89
CA SER B 58 -25.20 -3.75 3.92
C SER B 58 -26.10 -2.57 4.22
N LEU B 59 -25.47 -1.43 4.52
CA LEU B 59 -26.13 -0.23 4.98
C LEU B 59 -25.94 0.92 4.02
N LEU B 60 -26.97 1.71 3.86
CA LEU B 60 -26.98 2.82 2.94
C LEU B 60 -27.18 4.12 3.66
N ASP B 61 -26.50 5.20 3.22
CA ASP B 61 -26.71 6.56 3.74
C ASP B 61 -26.57 6.69 5.26
N LEU B 62 -25.37 6.48 5.77
CA LEU B 62 -25.13 6.57 7.20
C LEU B 62 -24.56 7.92 7.61
N THR B 63 -25.02 8.44 8.76
CA THR B 63 -24.48 9.65 9.36
C THR B 63 -23.13 9.28 10.04
N GLU B 64 -22.43 10.27 10.60
CA GLU B 64 -21.14 10.03 11.24
C GLU B 64 -21.22 9.00 12.36
N TYR B 65 -22.14 9.18 13.30
CA TYR B 65 -22.28 8.29 14.43
C TYR B 65 -22.73 6.90 14.01
N GLU B 66 -23.59 6.81 12.98
CA GLU B 66 -24.04 5.54 12.45
C GLU B 66 -22.86 4.76 11.88
N MET B 67 -22.03 5.43 11.06
CA MET B 67 -20.81 4.86 10.47
C MET B 67 -19.85 4.35 11.52
N ARG B 68 -19.58 5.19 12.55
CA ARG B 68 -18.67 4.83 13.65
C ARG B 68 -19.19 3.60 14.41
N ASN B 69 -20.49 3.57 14.76
CA ASN B 69 -21.09 2.46 15.46
C ASN B 69 -21.07 1.16 14.67
N ALA B 70 -21.44 1.22 13.37
CA ALA B 70 -21.42 0.07 12.45
C ALA B 70 -19.99 -0.52 12.31
N VAL B 71 -18.98 0.34 12.08
CA VAL B 71 -17.59 -0.13 11.95
C VAL B 71 -17.13 -0.76 13.27
N ASP B 72 -17.40 -0.10 14.41
CA ASP B 72 -16.99 -0.61 15.71
C ASP B 72 -17.62 -1.99 16.00
N GLU B 73 -18.88 -2.19 15.60
CA GLU B 73 -19.56 -3.46 15.80
C GLU B 73 -19.06 -4.53 14.86
N PHE B 74 -18.67 -4.15 13.62
CA PHE B 74 -18.09 -5.09 12.68
C PHE B 74 -16.73 -5.57 13.23
N LEU B 75 -15.93 -4.64 13.79
CA LEU B 75 -14.62 -4.99 14.33
C LEU B 75 -14.72 -5.95 15.52
N LEU B 76 -15.83 -5.95 16.25
CA LEU B 76 -15.99 -6.87 17.39
C LEU B 76 -16.17 -8.34 16.95
N LEU B 77 -16.56 -8.57 15.67
CA LEU B 77 -16.74 -9.92 15.12
C LEU B 77 -15.44 -10.57 14.70
N LEU B 78 -14.36 -9.80 14.60
CA LEU B 78 -13.10 -10.25 14.08
C LEU B 78 -12.26 -11.05 15.07
N ASP B 79 -12.77 -12.22 15.48
CA ASP B 79 -12.04 -13.12 16.37
C ASP B 79 -10.91 -13.83 15.56
N LYS B 80 -10.02 -14.56 16.26
CA LYS B 80 -8.92 -15.27 15.64
C LYS B 80 -9.36 -16.18 14.47
N GLY B 81 -8.69 -16.06 13.33
CA GLY B 81 -8.99 -16.89 12.17
C GLY B 81 -10.14 -16.43 11.29
N VAL B 82 -10.95 -15.46 11.74
CA VAL B 82 -12.07 -14.95 10.96
C VAL B 82 -11.61 -14.13 9.74
N TYR B 83 -12.38 -14.16 8.65
CA TYR B 83 -12.14 -13.37 7.44
C TYR B 83 -13.17 -12.25 7.50
N GLY B 84 -12.69 -11.01 7.47
CA GLY B 84 -13.53 -9.84 7.47
C GLY B 84 -13.35 -9.06 6.19
N LEU B 85 -14.41 -8.41 5.73
CA LEU B 85 -14.33 -7.54 4.58
C LEU B 85 -15.16 -6.29 4.90
N LEU B 86 -14.56 -5.12 4.74
CA LEU B 86 -15.24 -3.86 4.94
C LEU B 86 -15.20 -3.15 3.59
N TYR B 87 -16.37 -2.75 3.08
CA TYR B 87 -16.43 -2.04 1.82
C TYR B 87 -17.15 -0.73 2.02
N TYR B 88 -16.55 0.36 1.53
CA TYR B 88 -17.17 1.67 1.61
C TYR B 88 -17.24 2.30 0.22
N ALA B 89 -18.42 2.79 -0.19
CA ALA B 89 -18.62 3.51 -1.45
C ALA B 89 -19.28 4.85 -1.09
N GLY B 90 -18.73 5.93 -1.61
CA GLY B 90 -19.25 7.27 -1.34
C GLY B 90 -18.19 8.33 -1.48
N HIS B 91 -18.42 9.52 -0.92
CA HIS B 91 -17.43 10.59 -0.95
C HIS B 91 -16.33 10.29 0.05
N GLY B 92 -15.15 10.68 -0.34
CA GLY B 92 -13.95 10.57 0.46
C GLY B 92 -12.98 11.67 0.12
N TYR B 93 -11.94 11.84 0.93
CA TYR B 93 -10.92 12.84 0.65
C TYR B 93 -9.61 12.56 1.37
N GLU B 94 -8.53 13.16 0.88
CA GLU B 94 -7.21 13.02 1.46
C GLU B 94 -6.83 14.36 2.10
N ASN B 95 -6.21 14.29 3.29
CA ASN B 95 -5.77 15.47 4.03
C ASN B 95 -4.59 15.05 4.91
N PHE B 96 -3.39 15.59 4.62
CA PHE B 96 -2.16 15.29 5.34
C PHE B 96 -1.72 13.84 5.22
N GLY B 97 -1.95 13.25 4.05
CA GLY B 97 -1.61 11.85 3.83
C GLY B 97 -2.59 10.87 4.43
N ASN B 98 -3.68 11.36 5.05
CA ASN B 98 -4.71 10.50 5.64
C ASN B 98 -5.97 10.58 4.79
N SER B 99 -6.65 9.45 4.60
CA SER B 99 -7.90 9.43 3.85
C SER B 99 -9.09 9.28 4.80
N PHE B 100 -10.19 9.92 4.45
CA PHE B 100 -11.37 9.94 5.29
C PHE B 100 -12.61 9.54 4.53
N MET B 101 -13.50 8.77 5.18
CA MET B 101 -14.77 8.38 4.60
C MET B 101 -15.80 9.43 5.05
N VAL B 102 -16.55 9.99 4.09
CA VAL B 102 -17.47 11.08 4.38
C VAL B 102 -18.90 10.63 4.62
N PRO B 103 -19.43 10.82 5.83
CA PRO B 103 -20.82 10.45 6.09
C PRO B 103 -21.85 11.42 5.46
N VAL B 104 -23.11 11.01 5.35
CA VAL B 104 -24.10 11.86 4.67
C VAL B 104 -24.40 13.18 5.37
N ASP B 105 -24.15 13.26 6.68
CA ASP B 105 -24.41 14.51 7.41
C ASP B 105 -23.18 15.42 7.52
N ALA B 106 -22.09 15.14 6.79
CA ALA B 106 -20.87 15.93 6.88
C ALA B 106 -21.10 17.36 6.39
N PRO B 107 -20.50 18.34 7.07
CA PRO B 107 -20.66 19.74 6.63
C PRO B 107 -19.83 20.07 5.40
N ASN B 108 -20.01 21.30 4.86
CA ASN B 108 -19.28 21.78 3.70
C ASN B 108 -18.57 23.09 4.12
N PRO B 109 -17.22 23.17 4.09
CA PRO B 109 -16.25 22.16 3.60
C PRO B 109 -16.05 20.95 4.52
N TYR B 110 -15.38 19.89 4.03
CA TYR B 110 -15.11 18.69 4.83
C TYR B 110 -14.26 19.05 6.05
N ARG B 111 -14.63 18.54 7.24
CA ARG B 111 -13.86 18.69 8.48
C ARG B 111 -13.45 17.27 8.88
N SER B 112 -12.15 17.01 9.12
CA SER B 112 -11.67 15.66 9.47
C SER B 112 -12.28 15.09 10.76
N GLU B 113 -12.67 15.97 11.70
CA GLU B 113 -13.29 15.54 12.95
C GLU B 113 -14.64 14.87 12.70
N ASN B 114 -15.35 15.27 11.62
CA ASN B 114 -16.66 14.71 11.25
C ASN B 114 -16.61 13.52 10.29
N CYS B 115 -15.41 13.04 9.94
CA CYS B 115 -15.24 11.94 8.99
C CYS B 115 -14.54 10.74 9.63
N LEU B 116 -14.61 9.56 9.00
CA LEU B 116 -13.92 8.39 9.55
C LEU B 116 -12.54 8.23 8.92
N CYS B 117 -11.50 8.27 9.75
CA CYS B 117 -10.13 8.12 9.28
C CYS B 117 -9.82 6.69 8.93
N VAL B 118 -9.53 6.44 7.65
CA VAL B 118 -9.20 5.11 7.12
C VAL B 118 -8.01 4.49 7.85
N GLN B 119 -6.99 5.31 8.13
CA GLN B 119 -5.77 4.86 8.81
C GLN B 119 -6.06 4.41 10.23
N ASN B 120 -6.97 5.09 10.94
CA ASN B 120 -7.35 4.68 12.28
C ASN B 120 -8.02 3.29 12.25
N ILE B 121 -8.82 3.02 11.22
CA ILE B 121 -9.50 1.73 11.06
C ILE B 121 -8.52 0.63 10.74
N LEU B 122 -7.52 0.93 9.90
CA LEU B 122 -6.47 -0.06 9.57
C LEU B 122 -5.68 -0.41 10.84
N LYS B 123 -5.41 0.58 11.70
CA LYS B 123 -4.70 0.38 12.95
C LYS B 123 -5.52 -0.51 13.92
N LEU B 124 -6.84 -0.29 13.97
CA LEU B 124 -7.73 -1.12 14.79
C LEU B 124 -7.77 -2.55 14.24
N MET B 125 -7.78 -2.71 12.92
CA MET B 125 -7.76 -4.00 12.27
C MET B 125 -6.43 -4.73 12.50
N GLN B 126 -5.31 -3.97 12.55
CA GLN B 126 -3.96 -4.48 12.78
C GLN B 126 -3.83 -5.24 14.10
N GLU B 127 -4.62 -4.86 15.10
CA GLU B 127 -4.62 -5.51 16.41
C GLU B 127 -5.40 -6.83 16.46
N LYS B 128 -6.09 -7.21 15.37
CA LYS B 128 -6.88 -8.45 15.37
C LYS B 128 -6.05 -9.65 14.91
N GLU B 129 -6.45 -10.86 15.33
CA GLU B 129 -5.75 -12.07 14.87
C GLU B 129 -6.55 -12.71 13.72
N THR B 130 -7.09 -11.88 12.83
CA THR B 130 -7.88 -12.36 11.70
C THR B 130 -7.06 -13.19 10.72
N GLY B 131 -7.71 -14.14 10.07
CA GLY B 131 -7.08 -14.95 9.03
C GLY B 131 -6.89 -14.10 7.78
N LEU B 132 -7.83 -13.18 7.51
CA LEU B 132 -7.80 -12.29 6.37
C LEU B 132 -8.69 -11.08 6.68
N ASN B 133 -8.17 -9.88 6.44
CA ASN B 133 -8.90 -8.64 6.66
C ASN B 133 -8.82 -7.84 5.35
N VAL B 134 -9.94 -7.65 4.66
CA VAL B 134 -9.97 -6.92 3.39
C VAL B 134 -10.70 -5.60 3.57
N PHE B 135 -10.07 -4.47 3.24
CA PHE B 135 -10.71 -3.16 3.37
C PHE B 135 -10.70 -2.52 1.98
N LEU B 136 -11.86 -2.39 1.35
CA LEU B 136 -11.98 -1.80 0.02
C LEU B 136 -12.70 -0.46 0.11
N LEU B 137 -12.04 0.60 -0.35
CA LEU B 137 -12.55 1.95 -0.38
C LEU B 137 -12.79 2.26 -1.83
N ASP B 138 -14.03 2.61 -2.16
CA ASP B 138 -14.46 2.97 -3.50
C ASP B 138 -14.93 4.41 -3.36
N MET B 139 -13.97 5.34 -3.34
CA MET B 139 -14.28 6.72 -3.06
C MET B 139 -14.32 7.63 -4.26
N CYS B 140 -15.05 8.70 -4.11
CA CYS B 140 -15.23 9.73 -5.10
C CYS B 140 -14.55 10.98 -4.56
N ARG B 141 -13.48 11.46 -5.20
CA ARG B 141 -12.78 12.67 -4.74
C ARG B 141 -13.16 13.92 -5.54
N VAL B 158 2.47 -12.74 14.51
CA VAL B 158 1.48 -11.78 15.01
C VAL B 158 1.05 -10.85 13.86
N THR B 159 0.15 -11.35 12.99
CA THR B 159 -0.30 -10.54 11.87
C THR B 159 -1.82 -10.56 11.68
N ALA B 160 -2.34 -9.44 11.21
CA ALA B 160 -3.76 -9.30 10.94
C ALA B 160 -4.11 -9.72 9.50
N ASN B 161 -3.11 -9.81 8.59
CA ASN B 161 -3.29 -10.16 7.19
C ASN B 161 -4.25 -9.21 6.53
N ILE B 162 -3.86 -7.94 6.47
CA ILE B 162 -4.66 -6.87 5.91
C ILE B 162 -4.32 -6.64 4.45
N VAL B 163 -5.36 -6.52 3.63
CA VAL B 163 -5.29 -6.22 2.22
C VAL B 163 -6.21 -5.03 2.07
N PHE B 164 -5.67 -3.89 1.61
CA PHE B 164 -6.38 -2.64 1.49
C PHE B 164 -6.41 -2.19 0.04
N GLY B 165 -7.60 -2.10 -0.53
CA GLY B 165 -7.80 -1.65 -1.90
C GLY B 165 -8.36 -0.25 -1.86
N TYR B 166 -7.62 0.70 -2.42
CA TYR B 166 -7.98 2.11 -2.39
C TYR B 166 -8.25 2.61 -3.78
N ALA B 167 -9.53 2.61 -4.18
CA ALA B 167 -9.95 3.07 -5.49
C ALA B 167 -10.47 4.51 -5.43
N THR B 168 -10.03 5.36 -6.35
CA THR B 168 -10.44 6.75 -6.38
C THR B 168 -10.91 7.14 -7.76
N CYS B 169 -12.02 7.87 -7.83
CA CYS B 169 -12.54 8.38 -9.08
C CYS B 169 -12.89 9.87 -8.95
N GLN B 170 -12.93 10.60 -10.07
CA GLN B 170 -13.28 12.00 -10.02
C GLN B 170 -14.80 12.16 -9.85
N GLY B 171 -15.18 13.27 -9.23
CA GLY B 171 -16.60 13.60 -9.10
C GLY B 171 -17.17 13.95 -10.46
N ALA B 172 -18.47 13.77 -10.67
CA ALA B 172 -19.10 14.06 -11.96
C ALA B 172 -18.79 15.47 -12.46
N GLU B 173 -18.62 15.61 -13.77
CA GLU B 173 -18.40 16.92 -14.37
C GLU B 173 -19.78 17.60 -14.36
N ALA B 174 -19.86 18.83 -13.85
CA ALA B 174 -21.12 19.54 -13.70
C ALA B 174 -21.96 19.69 -14.96
N PHE B 175 -21.32 19.77 -16.13
CA PHE B 175 -22.00 19.95 -17.42
C PHE B 175 -21.99 18.71 -18.31
N GLU B 176 -21.78 17.52 -17.72
CA GLU B 176 -21.78 16.27 -18.49
C GLU B 176 -23.15 15.58 -18.44
N ILE B 177 -23.45 14.78 -19.47
CA ILE B 177 -24.72 14.05 -19.55
C ILE B 177 -24.65 12.89 -18.57
N GLN B 178 -25.60 12.80 -17.64
CA GLN B 178 -25.64 11.73 -16.65
C GLN B 178 -26.79 10.74 -16.92
N GLY B 181 -29.95 4.86 -16.40
CA GLY B 181 -30.36 3.70 -15.61
C GLY B 181 -29.56 3.45 -14.34
N LEU B 182 -29.38 2.16 -13.99
CA LEU B 182 -28.70 1.70 -12.77
C LEU B 182 -27.24 1.23 -13.03
N ALA B 183 -26.38 2.13 -13.52
CA ALA B 183 -25.00 1.73 -13.83
C ALA B 183 -24.12 1.51 -12.62
N ASN B 184 -23.21 0.55 -12.72
CA ASN B 184 -22.19 0.30 -11.71
C ASN B 184 -21.16 1.43 -11.76
N GLY B 185 -20.45 1.62 -10.66
CA GLY B 185 -19.29 2.49 -10.60
C GLY B 185 -18.14 1.78 -11.32
N ILE B 186 -17.09 2.52 -11.72
CA ILE B 186 -15.96 1.91 -12.45
C ILE B 186 -15.31 0.76 -11.70
N PHE B 187 -14.92 0.98 -10.43
CA PHE B 187 -14.26 -0.05 -9.64
C PHE B 187 -15.09 -1.34 -9.55
N MET B 188 -16.36 -1.25 -9.14
CA MET B 188 -17.21 -2.43 -9.03
C MET B 188 -17.40 -3.16 -10.35
N LYS B 189 -17.48 -2.42 -11.48
CA LYS B 189 -17.57 -3.07 -12.80
C LYS B 189 -16.43 -4.06 -13.06
N PHE B 190 -15.19 -3.67 -12.72
CA PHE B 190 -14.03 -4.57 -12.89
C PHE B 190 -13.89 -5.59 -11.75
N LEU B 191 -14.24 -5.21 -10.52
CA LEU B 191 -14.15 -6.10 -9.36
C LEU B 191 -15.13 -7.27 -9.46
N LYS B 192 -16.37 -7.04 -9.91
CA LYS B 192 -17.36 -8.09 -10.00
C LYS B 192 -17.01 -9.18 -11.04
N ASP B 193 -16.20 -8.84 -12.04
CA ASP B 193 -15.76 -9.85 -13.02
C ASP B 193 -14.66 -10.78 -12.46
N ARG B 194 -14.03 -10.42 -11.33
CA ARG B 194 -12.92 -11.20 -10.77
C ARG B 194 -13.13 -11.72 -9.38
N LEU B 195 -14.05 -11.14 -8.61
CA LEU B 195 -14.24 -11.46 -7.21
C LEU B 195 -14.49 -12.96 -6.85
N LEU B 196 -15.16 -13.72 -7.73
CA LEU B 196 -15.44 -15.14 -7.45
C LEU B 196 -14.32 -16.08 -7.80
N GLU B 197 -13.14 -15.56 -8.20
CA GLU B 197 -12.03 -16.42 -8.56
C GLU B 197 -11.38 -17.06 -7.33
N ASP B 198 -11.02 -18.32 -7.47
CA ASP B 198 -10.34 -19.06 -6.42
C ASP B 198 -8.85 -18.74 -6.53
N LYS B 199 -8.46 -17.51 -6.23
CA LYS B 199 -7.08 -17.02 -6.29
C LYS B 199 -6.86 -16.17 -5.07
N LYS B 200 -5.60 -16.04 -4.65
CA LYS B 200 -5.15 -15.21 -3.53
C LYS B 200 -5.68 -13.77 -3.75
N ILE B 201 -6.33 -13.18 -2.73
CA ILE B 201 -6.96 -11.87 -2.87
C ILE B 201 -6.01 -10.78 -3.43
N THR B 202 -4.72 -10.81 -3.09
CA THR B 202 -3.75 -9.85 -3.61
C THR B 202 -3.58 -10.05 -5.12
N VAL B 203 -3.49 -11.30 -5.57
CA VAL B 203 -3.37 -11.63 -7.00
C VAL B 203 -4.59 -11.17 -7.75
N LEU B 204 -5.76 -11.44 -7.18
CA LEU B 204 -7.06 -11.06 -7.72
C LEU B 204 -7.17 -9.52 -7.89
N LEU B 205 -6.83 -8.74 -6.84
CA LEU B 205 -6.86 -7.27 -6.93
C LEU B 205 -5.83 -6.73 -7.93
N ASP B 206 -4.68 -7.40 -8.04
CA ASP B 206 -3.63 -7.04 -9.00
C ASP B 206 -4.17 -7.25 -10.43
N GLU B 207 -4.97 -8.31 -10.66
CA GLU B 207 -5.58 -8.54 -11.97
C GLU B 207 -6.58 -7.43 -12.25
N VAL B 208 -7.39 -7.02 -11.26
CA VAL B 208 -8.35 -5.92 -11.37
C VAL B 208 -7.63 -4.64 -11.78
N ALA B 209 -6.54 -4.29 -11.11
CA ALA B 209 -5.74 -3.10 -11.45
C ALA B 209 -5.25 -3.18 -12.92
N GLU B 210 -4.87 -4.38 -13.37
CA GLU B 210 -4.40 -4.56 -14.74
C GLU B 210 -5.55 -4.45 -15.77
N ASP B 211 -6.76 -4.90 -15.43
CA ASP B 211 -7.91 -4.80 -16.31
C ASP B 211 -8.27 -3.32 -16.53
N MET B 212 -8.22 -2.52 -15.45
CA MET B 212 -8.50 -1.09 -15.51
C MET B 212 -7.44 -0.32 -16.29
N GLY B 213 -6.20 -0.79 -16.24
CA GLY B 213 -5.12 -0.18 -17.01
C GLY B 213 -5.21 -0.48 -18.50
N LYS B 214 -5.91 -1.56 -18.87
CA LYS B 214 -6.11 -1.93 -20.27
C LYS B 214 -7.17 -1.03 -20.91
N CYS B 215 -8.13 -0.52 -20.13
CA CYS B 215 -9.16 0.36 -20.65
C CYS B 215 -8.69 1.81 -20.73
N HIS B 216 -9.01 2.47 -21.85
CA HIS B 216 -8.66 3.87 -22.08
C HIS B 216 -9.61 4.83 -21.35
N LEU B 217 -10.88 4.43 -21.19
CA LEU B 217 -11.90 5.20 -20.48
C LEU B 217 -11.60 5.36 -18.96
N THR B 218 -10.76 4.46 -18.41
CA THR B 218 -10.38 4.43 -16.99
C THR B 218 -9.11 5.25 -16.72
N LYS B 219 -8.20 5.32 -17.71
CA LYS B 219 -6.87 5.97 -17.67
C LYS B 219 -6.77 7.31 -16.89
N GLY B 220 -7.81 8.15 -16.92
CA GLY B 220 -7.78 9.40 -16.18
C GLY B 220 -8.95 9.61 -15.22
N LYS B 221 -9.88 8.65 -15.15
CA LYS B 221 -11.06 8.79 -14.31
C LYS B 221 -11.14 7.79 -13.15
N GLN B 222 -10.18 6.85 -13.03
CA GLN B 222 -10.21 5.83 -12.00
C GLN B 222 -8.82 5.27 -11.69
N ALA B 223 -8.41 5.33 -10.43
CA ALA B 223 -7.12 4.81 -9.95
C ALA B 223 -7.32 3.72 -8.89
N LEU B 224 -6.33 2.86 -8.72
CA LEU B 224 -6.37 1.79 -7.72
C LEU B 224 -5.01 1.57 -7.09
N GLU B 225 -4.93 1.68 -5.77
CA GLU B 225 -3.73 1.41 -5.02
C GLU B 225 -4.03 0.21 -4.10
N ILE B 226 -3.14 -0.78 -4.07
CA ILE B 226 -3.31 -1.96 -3.23
C ILE B 226 -2.21 -2.00 -2.18
N ARG B 227 -2.57 -1.99 -0.89
CA ARG B 227 -1.60 -2.07 0.20
C ARG B 227 -1.82 -3.41 0.88
N SER B 228 -0.79 -4.22 1.01
CA SER B 228 -0.93 -5.53 1.61
C SER B 228 0.19 -5.97 2.51
N SER B 229 -0.19 -6.62 3.60
CA SER B 229 0.76 -7.26 4.51
C SER B 229 0.33 -8.73 4.67
N LEU B 230 -0.24 -9.35 3.63
CA LEU B 230 -0.70 -10.73 3.60
C LEU B 230 0.48 -11.67 3.32
N SER B 231 0.78 -12.55 4.28
CA SER B 231 1.90 -13.49 4.22
C SER B 231 1.52 -14.94 4.01
N GLU B 232 0.23 -15.22 3.77
CA GLU B 232 -0.29 -16.57 3.57
C GLU B 232 -1.19 -16.56 2.34
N LYS B 233 -1.39 -17.71 1.71
CA LYS B 233 -2.23 -17.78 0.51
C LYS B 233 -3.72 -17.71 0.86
N ARG B 234 -4.26 -16.52 1.16
CA ARG B 234 -5.67 -16.39 1.55
C ARG B 234 -6.53 -15.93 0.37
N ALA B 235 -7.73 -16.49 0.25
CA ALA B 235 -8.69 -16.19 -0.82
C ALA B 235 -10.10 -16.08 -0.24
N LEU B 236 -10.94 -15.23 -0.83
CA LEU B 236 -12.32 -15.10 -0.36
C LEU B 236 -13.13 -16.41 -0.50
N THR B 237 -12.65 -17.34 -1.35
CA THR B 237 -13.27 -18.63 -1.62
C THR B 237 -12.86 -19.73 -0.64
N ASP B 238 -11.93 -19.45 0.31
CA ASP B 238 -11.49 -20.47 1.28
C ASP B 238 -12.69 -21.04 2.07
N PRO B 239 -12.73 -22.36 2.31
CA PRO B 239 -13.87 -22.92 3.05
C PRO B 239 -13.91 -22.48 4.51
N ILE B 240 -15.09 -22.55 5.12
CA ILE B 240 -15.24 -22.23 6.52
C ILE B 240 -15.04 -23.51 7.35
N GLN B 241 -14.18 -23.46 8.40
CA GLN B 241 -13.86 -24.56 9.33
C GLN B 241 -15.13 -25.08 9.96
N GLU B 244 -19.23 -24.64 15.05
CA GLU B 244 -20.50 -23.96 14.82
C GLU B 244 -21.35 -23.79 16.09
N TYR B 245 -21.10 -24.62 17.11
CA TYR B 245 -21.85 -24.53 18.35
C TYR B 245 -21.01 -23.92 19.51
N SER B 246 -19.97 -23.15 19.17
CA SER B 246 -19.20 -22.40 20.18
C SER B 246 -19.88 -21.03 20.41
N ALA B 247 -19.72 -20.44 21.61
CA ALA B 247 -20.31 -19.14 21.93
C ALA B 247 -19.90 -18.03 20.97
N GLU B 248 -18.62 -17.98 20.60
CA GLU B 248 -18.09 -16.99 19.66
C GLU B 248 -18.72 -17.11 18.29
N SER B 249 -18.90 -18.35 17.84
CA SER B 249 -19.53 -18.62 16.55
C SER B 249 -21.01 -18.25 16.58
N LEU B 250 -21.67 -18.54 17.69
CA LEU B 250 -23.08 -18.25 17.87
C LEU B 250 -23.36 -16.75 17.94
N VAL B 251 -22.43 -15.96 18.51
CA VAL B 251 -22.57 -14.51 18.59
C VAL B 251 -22.61 -13.92 17.18
N ARG B 252 -21.76 -14.41 16.28
CA ARG B 252 -21.72 -13.94 14.90
C ARG B 252 -22.95 -14.34 14.13
N ASN B 253 -23.39 -15.60 14.29
CA ASN B 253 -24.62 -16.05 13.64
C ASN B 253 -25.81 -15.29 14.12
N LEU B 254 -25.88 -14.98 15.42
CA LEU B 254 -26.99 -14.24 16.00
C LEU B 254 -27.07 -12.80 15.47
N GLN B 255 -25.93 -12.11 15.33
CA GLN B 255 -25.91 -10.74 14.80
C GLN B 255 -26.43 -10.75 13.35
N TRP B 256 -25.95 -11.71 12.53
CA TRP B 256 -26.42 -11.84 11.16
C TRP B 256 -27.95 -12.10 11.13
N ALA B 257 -28.43 -13.10 11.89
CA ALA B 257 -29.83 -13.49 11.94
C ALA B 257 -30.74 -12.33 12.32
N LYS B 258 -30.35 -11.54 13.32
CA LYS B 258 -31.13 -10.38 13.74
C LYS B 258 -31.23 -9.33 12.64
N ALA B 259 -30.08 -8.99 12.01
CA ALA B 259 -29.98 -7.99 10.95
C ALA B 259 -30.74 -8.38 9.67
N HIS B 260 -31.06 -9.64 9.50
CA HIS B 260 -31.80 -10.17 8.34
C HIS B 260 -33.25 -10.56 8.67
N GLU B 261 -33.70 -10.33 9.92
CA GLU B 261 -35.06 -10.64 10.34
C GLU B 261 -36.12 -9.66 9.86
N LEU B 262 -36.99 -10.13 9.00
CA LEU B 262 -38.10 -9.35 8.48
C LEU B 262 -39.35 -9.63 9.32
N PRO B 263 -40.26 -8.67 9.49
CA PRO B 263 -41.54 -8.98 10.17
C PRO B 263 -42.31 -10.05 9.39
N GLU B 264 -43.04 -10.89 10.11
CA GLU B 264 -43.87 -11.89 9.45
C GLU B 264 -45.04 -11.18 8.79
N SER B 265 -45.51 -11.74 7.69
CA SER B 265 -46.63 -11.22 6.94
C SER B 265 -47.89 -11.23 7.84
N MET B 266 -48.77 -10.25 7.68
CA MET B 266 -49.99 -10.18 8.49
C MET B 266 -51.22 -10.09 7.67
N CYS B 267 -52.28 -10.81 8.07
CA CYS B 267 -53.56 -10.70 7.39
C CYS B 267 -54.43 -9.89 8.33
N LEU B 268 -54.80 -8.69 7.95
CA LEU B 268 -55.63 -7.81 8.76
C LEU B 268 -57.09 -7.98 8.38
N LYS B 269 -57.93 -8.20 9.38
CA LYS B 269 -59.35 -8.41 9.19
C LYS B 269 -60.12 -7.18 9.67
N PHE B 270 -60.91 -6.58 8.78
CA PHE B 270 -61.67 -5.39 9.12
C PHE B 270 -63.13 -5.75 9.34
N ASP B 271 -63.87 -4.91 10.10
CA ASP B 271 -65.30 -5.13 10.42
C ASP B 271 -66.18 -5.31 9.20
N CYS B 272 -65.89 -4.60 8.10
CA CYS B 272 -66.67 -4.72 6.86
C CYS B 272 -66.46 -6.06 6.13
N GLY B 273 -65.55 -6.89 6.60
CA GLY B 273 -65.27 -8.18 5.96
C GLY B 273 -64.04 -8.17 5.08
N VAL B 274 -63.47 -6.98 4.77
CA VAL B 274 -62.30 -6.86 3.93
C VAL B 274 -61.06 -7.38 4.66
N GLN B 275 -60.22 -8.12 3.93
CA GLN B 275 -58.98 -8.63 4.49
C GLN B 275 -57.83 -8.07 3.66
N ILE B 276 -56.82 -7.53 4.35
CA ILE B 276 -55.66 -6.92 3.71
C ILE B 276 -54.43 -7.60 4.21
N GLN B 277 -53.55 -8.06 3.30
CA GLN B 277 -52.27 -8.62 3.71
C GLN B 277 -51.22 -7.51 3.65
N LEU B 278 -50.42 -7.42 4.72
CA LEU B 278 -49.28 -6.52 4.86
C LEU B 278 -48.05 -7.40 4.66
N GLY B 279 -47.29 -7.14 3.61
CA GLY B 279 -46.08 -7.88 3.33
C GLY B 279 -44.83 -7.05 3.51
N PHE B 280 -43.69 -7.73 3.62
CA PHE B 280 -42.39 -7.11 3.90
C PHE B 280 -41.30 -7.78 3.07
N ALA B 281 -40.45 -6.97 2.46
CA ALA B 281 -39.32 -7.50 1.69
C ALA B 281 -38.06 -6.69 2.05
N ALA B 282 -36.87 -7.30 1.96
CA ALA B 282 -35.64 -6.60 2.33
C ALA B 282 -34.89 -6.19 1.09
N GLU B 283 -34.42 -4.94 1.03
CA GLU B 283 -33.58 -4.54 -0.10
C GLU B 283 -32.10 -4.42 0.38
N PHE B 284 -31.92 -3.86 1.55
CA PHE B 284 -30.66 -3.64 2.23
C PHE B 284 -30.92 -3.90 3.73
N SER B 285 -29.87 -3.97 4.55
CA SER B 285 -30.04 -4.20 6.00
C SER B 285 -30.81 -3.05 6.67
N ASN B 286 -30.82 -1.83 6.07
CA ASN B 286 -31.57 -0.70 6.62
C ASN B 286 -32.65 -0.17 5.66
N VAL B 287 -33.09 -0.99 4.70
CA VAL B 287 -34.10 -0.62 3.70
C VAL B 287 -35.08 -1.78 3.53
N MET B 288 -36.35 -1.56 3.88
CA MET B 288 -37.38 -2.59 3.78
C MET B 288 -38.53 -2.05 2.94
N ILE B 289 -39.09 -2.89 2.08
CA ILE B 289 -40.28 -2.53 1.30
C ILE B 289 -41.52 -3.11 2.00
N ILE B 290 -42.56 -2.29 2.15
CA ILE B 290 -43.82 -2.75 2.73
C ILE B 290 -44.87 -2.69 1.61
N TYR B 291 -45.69 -3.73 1.50
CA TYR B 291 -46.72 -3.76 0.49
C TYR B 291 -48.04 -4.16 1.08
N THR B 292 -49.14 -3.61 0.56
CA THR B 292 -50.46 -4.00 1.00
C THR B 292 -51.22 -4.58 -0.17
N SER B 293 -51.99 -5.62 0.09
CA SER B 293 -52.78 -6.28 -0.94
C SER B 293 -54.17 -6.63 -0.41
N ILE B 294 -55.19 -6.57 -1.26
CA ILE B 294 -56.53 -6.94 -0.85
C ILE B 294 -56.64 -8.46 -1.07
N VAL B 295 -56.72 -9.22 0.02
CA VAL B 295 -56.84 -10.67 -0.12
C VAL B 295 -58.32 -11.07 -0.28
N TYR B 296 -59.25 -10.33 0.35
CA TYR B 296 -60.67 -10.59 0.20
C TYR B 296 -61.48 -9.33 0.32
N LYS B 297 -62.38 -9.13 -0.63
CA LYS B 297 -63.29 -8.00 -0.64
C LYS B 297 -64.70 -8.56 -0.79
N PRO B 298 -65.57 -8.35 0.20
CA PRO B 298 -66.96 -8.85 0.08
C PRO B 298 -67.65 -8.30 -1.17
N PRO B 299 -68.49 -9.13 -1.83
CA PRO B 299 -69.17 -8.66 -3.06
C PRO B 299 -69.93 -7.34 -2.94
N GLU B 300 -70.53 -7.04 -1.77
CA GLU B 300 -71.26 -5.78 -1.58
C GLU B 300 -70.35 -4.53 -1.52
N ILE B 301 -69.02 -4.70 -1.55
CA ILE B 301 -68.08 -3.60 -1.54
C ILE B 301 -67.44 -3.42 -2.91
N ILE B 302 -67.45 -2.20 -3.47
CA ILE B 302 -66.81 -1.94 -4.77
C ILE B 302 -65.45 -1.21 -4.54
N MET B 303 -65.42 0.12 -4.27
CA MET B 303 -64.15 0.81 -4.00
C MET B 303 -63.58 0.24 -2.68
N CYS B 304 -62.26 0.04 -2.66
CA CYS B 304 -61.56 -0.56 -1.54
C CYS B 304 -60.09 -0.19 -1.59
N ASP B 305 -59.72 0.94 -0.99
CA ASP B 305 -58.33 1.38 -0.95
C ASP B 305 -57.73 1.13 0.44
N ALA B 306 -56.62 0.44 0.46
CA ALA B 306 -55.90 0.21 1.70
C ALA B 306 -54.60 0.94 1.56
N TYR B 307 -54.20 1.69 2.59
CA TYR B 307 -52.93 2.41 2.54
C TYR B 307 -52.30 2.53 3.92
N VAL B 308 -50.99 2.73 3.96
CA VAL B 308 -50.26 2.83 5.20
C VAL B 308 -49.98 4.28 5.56
N THR B 309 -49.99 4.57 6.87
CA THR B 309 -49.74 5.92 7.36
C THR B 309 -49.25 5.88 8.83
N ASP B 310 -48.91 7.06 9.41
CA ASP B 310 -48.50 7.19 10.80
C ASP B 310 -47.20 6.47 11.12
N PHE B 311 -46.20 6.57 10.24
CA PHE B 311 -44.89 5.98 10.49
C PHE B 311 -44.17 6.79 11.56
N PRO B 312 -43.28 6.15 12.35
CA PRO B 312 -42.51 6.90 13.36
C PRO B 312 -41.73 8.07 12.75
N LEU B 313 -41.70 9.21 13.41
CA LEU B 313 -41.02 10.40 12.91
C LEU B 313 -39.53 10.23 12.62
N ASP B 314 -38.85 9.28 13.32
CA ASP B 314 -37.42 8.99 13.16
C ASP B 314 -37.10 8.58 11.72
N LEU B 315 -38.04 7.87 11.08
CA LEU B 315 -37.84 7.36 9.73
C LEU B 315 -37.92 8.43 8.67
N ASP B 316 -38.52 9.60 8.97
CA ASP B 316 -38.66 10.72 8.02
C ASP B 316 -39.22 10.29 6.65
N ILE B 317 -40.30 9.50 6.64
CA ILE B 317 -40.89 9.04 5.39
C ILE B 317 -41.74 10.14 4.79
N ASP B 318 -41.51 10.50 3.50
CA ASP B 318 -42.33 11.51 2.85
C ASP B 318 -43.60 10.80 2.37
N PRO B 319 -44.79 11.21 2.85
CA PRO B 319 -46.03 10.52 2.44
C PRO B 319 -46.33 10.60 0.95
N LYS B 320 -45.77 11.62 0.24
CA LYS B 320 -45.96 11.71 -1.21
C LYS B 320 -45.29 10.48 -1.89
N ASP B 321 -44.29 9.82 -1.24
CA ASP B 321 -43.57 8.67 -1.83
C ASP B 321 -44.06 7.29 -1.35
N ALA B 322 -45.00 7.26 -0.43
CA ALA B 322 -45.53 6.01 0.10
C ALA B 322 -46.77 5.60 -0.72
N ASN B 323 -47.26 4.36 -0.56
CA ASN B 323 -48.47 3.88 -1.23
C ASN B 323 -48.44 4.06 -2.74
N LYS B 324 -47.36 3.61 -3.37
CA LYS B 324 -47.20 3.71 -4.82
C LYS B 324 -47.75 2.49 -5.55
N GLY B 325 -48.20 2.68 -6.77
CA GLY B 325 -48.71 1.57 -7.58
C GLY B 325 -47.64 0.61 -8.07
N THR B 326 -46.37 1.04 -8.09
CA THR B 326 -45.24 0.19 -8.51
C THR B 326 -44.10 0.36 -7.52
N PRO B 327 -43.25 -0.65 -7.32
CA PRO B 327 -42.09 -0.47 -6.41
C PRO B 327 -41.10 0.59 -6.91
N GLU B 328 -40.95 0.73 -8.23
CA GLU B 328 -40.02 1.69 -8.82
C GLU B 328 -40.34 3.14 -8.43
N GLU B 329 -41.63 3.48 -8.31
CA GLU B 329 -42.03 4.82 -7.89
C GLU B 329 -41.59 5.18 -6.46
N THR B 330 -41.30 4.18 -5.61
CA THR B 330 -40.79 4.46 -4.27
C THR B 330 -39.24 4.61 -4.26
N GLY B 331 -38.59 4.46 -5.40
CA GLY B 331 -37.13 4.47 -5.48
C GLY B 331 -36.55 3.09 -5.22
N SER B 332 -37.39 2.04 -5.39
CA SER B 332 -37.00 0.65 -5.17
C SER B 332 -36.96 -0.13 -6.49
N TYR B 333 -35.75 -0.37 -6.99
CA TYR B 333 -35.52 -0.99 -8.29
C TYR B 333 -34.91 -2.36 -8.25
N LEU B 334 -34.28 -2.74 -7.15
CA LEU B 334 -33.46 -3.94 -7.06
C LEU B 334 -34.20 -5.21 -6.61
N VAL B 335 -35.25 -5.10 -5.79
CA VAL B 335 -35.99 -6.26 -5.31
C VAL B 335 -37.36 -6.46 -5.95
N SER B 336 -37.68 -5.71 -7.02
CA SER B 336 -38.95 -5.80 -7.72
C SER B 336 -39.36 -7.25 -8.11
N LYS B 337 -38.37 -8.12 -8.28
CA LYS B 337 -38.54 -9.53 -8.63
C LYS B 337 -39.24 -10.29 -7.50
N ASP B 338 -38.92 -9.96 -6.25
CA ASP B 338 -39.50 -10.63 -5.09
C ASP B 338 -40.77 -9.95 -4.58
N LEU B 339 -41.42 -9.11 -5.40
CA LEU B 339 -42.63 -8.41 -4.95
C LEU B 339 -43.81 -8.84 -5.77
N PRO B 340 -44.92 -9.18 -5.11
CA PRO B 340 -46.12 -9.54 -5.89
C PRO B 340 -46.70 -8.29 -6.57
N LYS B 341 -47.42 -8.50 -7.65
CA LYS B 341 -48.04 -7.41 -8.40
C LYS B 341 -49.36 -6.97 -7.74
N HIS B 342 -49.92 -5.83 -8.20
CA HIS B 342 -51.20 -5.32 -7.77
C HIS B 342 -51.24 -4.91 -6.27
N CYS B 343 -50.11 -4.49 -5.74
CA CYS B 343 -50.03 -4.04 -4.35
C CYS B 343 -49.77 -2.52 -4.33
N LEU B 344 -49.69 -1.96 -3.13
CA LEU B 344 -49.27 -0.59 -2.96
C LEU B 344 -47.97 -0.72 -2.19
N TYR B 345 -46.92 -0.06 -2.67
CA TYR B 345 -45.58 -0.22 -2.09
C TYR B 345 -45.09 1.03 -1.39
N THR B 346 -44.35 0.83 -0.31
CA THR B 346 -43.75 1.90 0.47
C THR B 346 -42.33 1.52 0.81
N ARG B 347 -41.37 2.42 0.60
CA ARG B 347 -39.99 2.12 0.92
C ARG B 347 -39.54 2.77 2.25
N LEU B 348 -39.19 1.97 3.24
CA LEU B 348 -38.67 2.50 4.52
C LEU B 348 -37.16 2.31 4.47
N SER B 349 -36.42 3.39 4.20
CA SER B 349 -34.97 3.36 3.99
C SER B 349 -34.05 3.90 5.07
N SER B 350 -34.53 4.16 6.29
CA SER B 350 -33.65 4.65 7.35
C SER B 350 -33.93 3.90 8.65
N LEU B 351 -34.00 2.56 8.54
CA LEU B 351 -34.31 1.67 9.66
C LEU B 351 -33.34 1.76 10.83
N GLN B 352 -32.10 2.19 10.57
CA GLN B 352 -31.12 2.37 11.64
C GLN B 352 -31.51 3.52 12.59
N LYS B 353 -32.47 4.39 12.20
CA LYS B 353 -32.93 5.48 13.05
C LYS B 353 -34.15 5.09 13.91
N LEU B 354 -34.69 3.89 13.72
CA LEU B 354 -35.85 3.41 14.48
C LEU B 354 -35.34 2.96 15.84
N LYS B 355 -35.70 3.69 16.88
CA LYS B 355 -35.25 3.39 18.25
C LYS B 355 -36.24 2.60 19.10
N GLU B 356 -37.44 2.38 18.59
CA GLU B 356 -38.50 1.65 19.28
C GLU B 356 -39.14 0.70 18.26
N HIS B 357 -40.20 -0.03 18.62
CA HIS B 357 -40.88 -0.91 17.70
C HIS B 357 -41.49 -0.13 16.54
N LEU B 358 -41.57 -0.75 15.37
CA LEU B 358 -42.17 -0.12 14.21
C LEU B 358 -43.69 -0.26 14.34
N VAL B 359 -44.34 0.85 14.67
CA VAL B 359 -45.77 0.90 14.84
C VAL B 359 -46.30 1.87 13.78
N PHE B 360 -47.31 1.45 13.01
CA PHE B 360 -47.92 2.32 11.99
C PHE B 360 -49.39 1.90 11.77
N THR B 361 -50.09 2.64 10.90
CA THR B 361 -51.50 2.38 10.66
C THR B 361 -51.81 1.94 9.24
N VAL B 362 -52.76 1.02 9.11
CA VAL B 362 -53.27 0.58 7.83
C VAL B 362 -54.69 1.13 7.77
N CYS B 363 -54.92 2.08 6.89
CA CYS B 363 -56.23 2.65 6.70
C CYS B 363 -56.94 1.94 5.57
N LEU B 364 -58.25 1.94 5.63
CA LEU B 364 -59.09 1.34 4.62
C LEU B 364 -60.17 2.37 4.36
N SER B 365 -60.35 2.70 3.09
CA SER B 365 -61.34 3.65 2.61
C SER B 365 -62.15 2.84 1.60
N TYR B 366 -63.46 2.59 1.85
CA TYR B 366 -64.25 1.74 0.96
C TYR B 366 -65.63 2.32 0.64
N GLN B 367 -66.33 1.73 -0.35
CA GLN B 367 -67.64 2.22 -0.75
C GLN B 367 -68.54 1.05 -1.09
N TYR B 368 -69.75 1.03 -0.53
CA TYR B 368 -70.70 -0.06 -0.76
C TYR B 368 -71.44 0.13 -2.07
N SER B 369 -71.78 -0.98 -2.73
CA SER B 369 -72.53 -0.98 -3.99
C SER B 369 -73.90 -0.39 -3.75
N GLY B 370 -74.26 0.59 -4.58
CA GLY B 370 -75.54 1.29 -4.43
C GLY B 370 -75.50 2.50 -3.53
N LEU B 371 -74.35 2.79 -2.91
CA LEU B 371 -74.21 3.93 -2.01
C LEU B 371 -73.16 4.91 -2.51
N GLU B 372 -73.30 6.19 -2.15
CA GLU B 372 -72.39 7.23 -2.62
C GLU B 372 -71.26 7.56 -1.66
N ASP B 373 -71.56 7.62 -0.35
CA ASP B 373 -70.58 7.93 0.70
C ASP B 373 -69.46 6.90 0.82
N THR B 374 -68.25 7.36 1.12
CA THR B 374 -67.13 6.47 1.35
C THR B 374 -67.03 6.25 2.87
N VAL B 375 -66.80 5.01 3.27
CA VAL B 375 -66.68 4.58 4.67
C VAL B 375 -65.20 4.44 5.01
N GLU B 376 -64.79 4.88 6.20
CA GLU B 376 -63.40 4.82 6.63
C GLU B 376 -63.23 3.86 7.79
N ASP B 377 -62.09 3.22 7.85
CA ASP B 377 -61.70 2.33 8.94
C ASP B 377 -60.16 2.28 9.01
N LYS B 378 -59.60 1.85 10.13
CA LYS B 378 -58.15 1.74 10.29
C LYS B 378 -57.75 0.80 11.41
N GLN B 379 -56.55 0.26 11.34
CA GLN B 379 -55.99 -0.48 12.46
C GLN B 379 -54.50 -0.23 12.58
N GLU B 380 -54.06 -0.13 13.83
CA GLU B 380 -52.67 0.06 14.17
C GLU B 380 -52.01 -1.31 14.20
N VAL B 381 -50.80 -1.41 13.66
CA VAL B 381 -50.04 -2.66 13.68
C VAL B 381 -48.71 -2.39 14.35
N ASN B 382 -48.17 -3.39 15.01
CA ASN B 382 -46.84 -3.33 15.59
C ASN B 382 -46.06 -4.48 14.99
N VAL B 383 -45.04 -4.19 14.18
CA VAL B 383 -44.26 -5.27 13.54
C VAL B 383 -42.85 -5.47 14.17
N GLY B 384 -42.62 -4.99 15.38
CA GLY B 384 -41.35 -5.17 16.07
C GLY B 384 -40.22 -4.34 15.49
N LYS B 385 -38.96 -4.78 15.67
CA LYS B 385 -37.80 -4.08 15.14
C LYS B 385 -37.26 -4.83 13.95
N PRO B 386 -37.47 -4.35 12.72
CA PRO B 386 -36.99 -5.10 11.55
C PRO B 386 -35.56 -4.86 11.13
N LEU B 387 -34.90 -5.90 10.59
CA LEU B 387 -33.58 -5.86 10.02
C LEU B 387 -32.55 -5.18 10.96
N ILE B 388 -31.73 -4.18 10.51
CA ILE B 388 -30.70 -3.57 11.34
C ILE B 388 -31.25 -3.05 12.67
N ALA B 389 -32.53 -2.62 12.70
CA ALA B 389 -33.17 -2.13 13.92
C ALA B 389 -33.26 -3.19 15.04
N LYS B 390 -33.17 -4.48 14.70
CA LYS B 390 -33.20 -5.57 15.70
C LYS B 390 -31.90 -5.57 16.56
N LEU B 391 -30.83 -4.95 16.07
CA LEU B 391 -29.57 -4.81 16.81
C LEU B 391 -29.58 -3.67 17.86
N ASP B 392 -30.70 -2.96 18.01
CA ASP B 392 -30.87 -1.88 18.97
C ASP B 392 -30.02 -0.63 18.63
N MET B 393 -30.71 0.30 17.99
CA MET B 393 -30.19 1.56 17.50
C MET B 393 -30.29 2.61 18.62
N HIS B 394 -29.25 3.44 18.72
CA HIS B 394 -29.20 4.41 19.82
C HIS B 394 -28.64 5.77 19.37
C1 RJK C . 22.82 6.43 -11.90
C2 RJK C . 22.00 5.66 -11.07
C3 RJK C . 21.71 6.13 -9.79
C12 RJK C . 24.64 11.02 -6.46
C15 RJK C . 25.56 14.32 -5.02
C16 RJK C . 25.43 12.92 -5.05
C17 RJK C . 25.76 12.19 -3.92
C18 RJK C . 26.21 12.83 -2.77
C19 RJK C . 26.36 14.22 -2.72
C20 RJK C . 26.03 14.95 -3.86
C24 RJK C . 26.80 16.31 0.00
C25 RJK C . 28.11 15.70 -0.11
C26 RJK C . 28.03 14.84 -1.12
C27 RJK C . 29.30 15.96 0.78
C4 RJK C . 22.28 7.33 -9.34
C5 RJK C . 23.12 8.07 -10.18
C6 RJK C . 23.38 7.61 -11.46
O7 RJK C . 22.05 7.74 -8.03
C8 RJK C . 22.37 9.09 -7.66
C9 RJK C . 23.80 9.44 -8.16
C10 RJK C . 23.74 9.39 -9.71
N11 RJK C . 24.19 10.75 -7.71
N13 RJK C . 24.93 12.32 -6.23
O14 RJK C . 24.81 10.13 -5.63
N21 RJK C . 26.81 14.86 -1.61
CL2 RJK C . 26.63 11.81 -1.43
N23 RJK C . 26.11 15.81 -0.94
N28 RJK C . 28.97 15.64 2.19
BR2 RJK C . 23.08 5.94 -13.68
C1 RJK D . -22.27 -9.25 10.81
C2 RJK D . -21.47 -8.73 9.78
C3 RJK D . -21.30 -7.35 9.72
C12 RJK D . -24.22 -2.55 13.11
C15 RJK D . -25.22 0.00 15.61
C16 RJK D . -25.05 -0.52 14.32
C17 RJK D . -25.36 0.27 13.21
C18 RJK D . -25.82 1.57 13.40
C19 RJK D . -25.95 2.13 14.69
C20 RJK D . -25.68 1.30 15.79
C24 RJK D . -26.44 5.43 15.68
C25 RJK D . -27.76 5.07 15.17
C26 RJK D . -27.66 3.80 14.76
C27 RJK D . -29.00 5.94 15.18
C4 RJK D . -21.91 -6.50 10.65
C5 RJK D . -22.70 -7.06 11.67
C6 RJK D . -22.88 -8.43 11.76
O7 RJK D . -21.73 -5.12 10.57
C8 RJK D . -21.94 -4.35 11.77
C9 RJK D . -23.37 -4.69 12.30
C10 RJK D . -23.38 -6.18 12.72
N11 RJK D . -23.79 -3.81 13.37
N13 RJK D . -24.55 -1.84 14.21
O14 RJK D . -24.34 -2.12 11.98
N21 RJK D . -26.43 3.38 14.95
CL2 RJK D . -26.12 2.44 11.92
N23 RJK D . -25.73 4.39 15.53
N28 RJK D . -28.91 7.06 14.23
BR2 RJK D . -22.47 -11.07 11.02
#